data_6TP6
#
_entry.id   6TP6
#
_cell.length_a   59.892
_cell.length_b   146.202
_cell.length_c   72.328
_cell.angle_alpha   90.000
_cell.angle_beta   111.120
_cell.angle_gamma   90.000
#
_symmetry.space_group_name_H-M   'P 1 21 1'
#
loop_
_entity.id
_entity.type
_entity.pdbx_description
1 polymer 'Orexin receptor type 1'
2 non-polymer [(2~{R},5~{R})-5-[(5-fluoranylpyridin-2-yl)oxymethyl]-2-methyl-piperidin-1-yl]-(5-methyl-2-pyrimidin-2-yl-phenyl)methanone
3 non-polymer 'TETRAETHYLENE GLYCOL'
4 non-polymer 'SULFATE ION'
5 non-polymer 'octyl 1-thio-beta-D-glucopyranoside'
6 non-polymer 'CHLORIDE ION'
7 non-polymer '(1R)-2-{[(S)-{[(2S)-2,3-dihydroxypropyl]oxy}(hydroxy)phosphoryl]oxy}-1-[(hexadecanoyloxy)methyl]ethyl (9Z)-octadec-9-enoate'
8 water water
#
_entity_poly.entity_id   1
_entity_poly.type   'polypeptide(L)'
_entity_poly.pdbx_seq_one_letter_code
;AASEDEFLRYLWRDYLYPKQYAWVLIAAYVAVFVVALVGNTLVCLAVWRNHHMRTVTNYFLVNLSLADVLATAICLPASL
LVDITESWLFGHALCKVIPYLQAVSVSVAVLTLSFIALDRWYAICHPLLFKSTARRALGSILGIWAVSLAIMVPQAAVME
CSSVLPELAARTRAFSVCDERWADDLAPKIYHSCFFIVTYLAPLGLMAMAYFQIFRKLWGRQIPGTTSALVRNWKRPSDQ
LGDLEQGLSGEPQPRARAFLAEVKQMRARRKTAKMLMVVVLVFALCYLPISVLNVLKRVFGMFRQASDREAVYAAFTFSH
WLVYANSAANPIIYNFLSGKFREQFKAAFSWWLPGLAAAHHHHHHHHH
;
_entity_poly.pdbx_strand_id   A,B
#
loop_
_chem_comp.id
_chem_comp.type
_chem_comp.name
_chem_comp.formula
CL non-polymer 'CHLORIDE ION' 'Cl -1'
NT5 non-polymer [(2~{R},5~{R})-5-[(5-fluoranylpyridin-2-yl)oxymethyl]-2-methyl-piperidin-1-yl]-(5-methyl-2-pyrimidin-2-yl-phenyl)methanone 'C24 H25 F N4 O2'
PG4 non-polymer 'TETRAETHYLENE GLYCOL' 'C8 H18 O5'
PGW non-polymer '(1R)-2-{[(S)-{[(2S)-2,3-dihydroxypropyl]oxy}(hydroxy)phosphoryl]oxy}-1-[(hexadecanoyloxy)methyl]ethyl (9Z)-octadec-9-enoate' 'C40 H77 O10 P'
SO4 non-polymer 'SULFATE ION' 'O4 S -2'
SOG D-saccharide 'octyl 1-thio-beta-D-glucopyranoside' 'C14 H28 O5 S'
#
# COMPACT_ATOMS: atom_id res chain seq x y z
N ALA A 1 -63.29 6.70 14.12
CA ALA A 1 -63.07 7.80 13.19
C ALA A 1 -61.61 7.88 12.81
N ALA A 2 -60.76 8.20 13.78
CA ALA A 2 -59.33 8.15 13.61
C ALA A 2 -58.75 6.76 13.89
N SER A 3 -59.57 5.81 14.35
CA SER A 3 -59.06 4.47 14.64
C SER A 3 -58.52 3.79 13.40
N GLU A 4 -59.12 4.05 12.23
CA GLU A 4 -58.63 3.46 11.00
C GLU A 4 -57.24 3.99 10.64
N ASP A 5 -56.94 5.23 11.02
CA ASP A 5 -55.61 5.77 10.80
C ASP A 5 -54.56 4.99 11.58
N GLU A 6 -54.88 4.59 12.81
CA GLU A 6 -53.94 3.81 13.60
C GLU A 6 -53.75 2.41 13.00
N PHE A 7 -54.81 1.85 12.43
CA PHE A 7 -54.71 0.53 11.81
C PHE A 7 -53.79 0.58 10.59
N LEU A 8 -53.99 1.57 9.74
CA LEU A 8 -53.15 1.71 8.55
C LEU A 8 -51.71 2.05 8.88
N ARG A 9 -51.45 2.68 10.05
CA ARG A 9 -50.08 2.92 10.44
C ARG A 9 -49.38 1.63 10.87
N TYR A 10 -50.05 0.81 11.66
CA TYR A 10 -49.49 -0.48 12.02
C TYR A 10 -49.49 -1.44 10.84
N LEU A 11 -50.41 -1.26 9.90
CA LEU A 11 -50.36 -2.04 8.66
C LEU A 11 -49.13 -1.66 7.83
N TRP A 12 -48.72 -0.39 7.89
CA TRP A 12 -47.52 0.05 7.20
C TRP A 12 -46.25 -0.45 7.91
N ARG A 13 -46.21 -0.31 9.23
CA ARG A 13 -45.02 -0.70 9.98
C ARG A 13 -44.81 -2.21 9.97
N ASP A 14 -45.90 -2.97 10.10
CA ASP A 14 -45.81 -4.41 10.30
C ASP A 14 -45.63 -5.15 8.98
N TYR A 15 -46.14 -4.62 7.87
CA TYR A 15 -46.27 -5.42 6.66
C TYR A 15 -45.81 -4.66 5.42
N LEU A 16 -46.42 -3.51 5.18
CA LEU A 16 -46.17 -2.81 3.92
C LEU A 16 -44.72 -2.36 3.81
N TYR A 17 -44.21 -1.66 4.82
CA TYR A 17 -42.83 -1.21 4.76
C TYR A 17 -41.83 -2.35 4.66
N PRO A 18 -41.86 -3.35 5.55
CA PRO A 18 -40.88 -4.46 5.42
C PRO A 18 -40.95 -5.19 4.09
N LYS A 19 -42.16 -5.37 3.55
CA LYS A 19 -42.31 -6.02 2.24
C LYS A 19 -41.82 -5.12 1.12
N GLN A 20 -41.96 -3.80 1.30
CA GLN A 20 -41.48 -2.83 0.33
C GLN A 20 -39.98 -2.65 0.46
N TYR A 21 -39.43 -3.04 1.61
CA TYR A 21 -38.00 -2.91 1.85
C TYR A 21 -37.25 -4.12 1.30
N ALA A 22 -37.78 -5.32 1.53
CA ALA A 22 -37.15 -6.52 0.99
C ALA A 22 -37.19 -6.55 -0.53
N TRP A 23 -38.26 -6.01 -1.13
CA TRP A 23 -38.34 -5.99 -2.59
C TRP A 23 -37.27 -5.11 -3.20
N VAL A 24 -37.16 -3.87 -2.71
CA VAL A 24 -36.13 -2.95 -3.23
C VAL A 24 -34.74 -3.52 -2.98
N LEU A 25 -34.54 -4.16 -1.83
CA LEU A 25 -33.24 -4.73 -1.50
C LEU A 25 -32.86 -5.82 -2.50
N ILE A 26 -33.78 -6.76 -2.76
CA ILE A 26 -33.45 -7.88 -3.63
C ILE A 26 -33.36 -7.44 -5.08
N ALA A 27 -34.23 -6.52 -5.51
CA ALA A 27 -34.15 -6.01 -6.87
C ALA A 27 -32.86 -5.24 -7.10
N ALA A 28 -32.44 -4.43 -6.12
CA ALA A 28 -31.19 -3.70 -6.27
C ALA A 28 -30.00 -4.66 -6.36
N TYR A 29 -29.97 -5.68 -5.50
CA TYR A 29 -28.88 -6.65 -5.54
C TYR A 29 -28.90 -7.47 -6.82
N VAL A 30 -30.08 -7.84 -7.30
CA VAL A 30 -30.17 -8.65 -8.52
C VAL A 30 -29.80 -7.83 -9.74
N ALA A 31 -30.32 -6.61 -9.84
CA ALA A 31 -30.00 -5.77 -10.99
C ALA A 31 -28.49 -5.52 -11.08
N VAL A 32 -27.84 -5.29 -9.94
CA VAL A 32 -26.39 -5.10 -9.95
C VAL A 32 -25.68 -6.40 -10.30
N PHE A 33 -26.16 -7.51 -9.76
CA PHE A 33 -25.55 -8.82 -10.05
C PHE A 33 -25.53 -9.08 -11.55
N VAL A 34 -26.67 -8.93 -12.20
CA VAL A 34 -26.75 -9.20 -13.65
C VAL A 34 -25.88 -8.21 -14.41
N VAL A 35 -26.07 -6.91 -14.18
CA VAL A 35 -25.36 -5.90 -14.96
C VAL A 35 -23.85 -6.04 -14.76
N ALA A 36 -23.41 -6.32 -13.53
CA ALA A 36 -21.98 -6.46 -13.27
C ALA A 36 -21.39 -7.67 -13.99
N LEU A 37 -22.14 -8.77 -14.06
CA LEU A 37 -21.61 -9.99 -14.68
C LEU A 37 -21.55 -9.86 -16.20
N VAL A 38 -22.62 -9.33 -16.81
CA VAL A 38 -22.62 -9.16 -18.26
C VAL A 38 -21.61 -8.10 -18.69
N GLY A 39 -21.67 -6.93 -18.05
CA GLY A 39 -20.77 -5.85 -18.44
C GLY A 39 -19.31 -6.23 -18.28
N ASN A 40 -18.95 -6.78 -17.12
CA ASN A 40 -17.55 -7.12 -16.87
C ASN A 40 -17.07 -8.26 -17.75
N THR A 41 -17.99 -9.13 -18.19
CA THR A 41 -17.60 -10.14 -19.16
C THR A 41 -17.39 -9.53 -20.54
N LEU A 42 -18.23 -8.57 -20.91
CA LEU A 42 -18.07 -7.88 -22.18
C LEU A 42 -16.74 -7.13 -22.23
N VAL A 43 -16.33 -6.55 -21.10
CA VAL A 43 -15.05 -5.85 -21.05
C VAL A 43 -13.91 -6.80 -21.39
N CYS A 44 -13.90 -7.97 -20.76
CA CYS A 44 -12.86 -8.95 -21.06
C CYS A 44 -12.93 -9.41 -22.51
N LEU A 45 -14.15 -9.49 -23.07
CA LEU A 45 -14.29 -9.88 -24.46
C LEU A 45 -13.85 -8.78 -25.40
N ALA A 46 -14.26 -7.54 -25.13
CA ALA A 46 -13.93 -6.43 -26.03
C ALA A 46 -12.43 -6.27 -26.18
N VAL A 47 -11.67 -6.48 -25.10
CA VAL A 47 -10.22 -6.38 -25.21
C VAL A 47 -9.63 -7.62 -25.88
N TRP A 48 -10.23 -8.80 -25.66
CA TRP A 48 -9.71 -10.01 -26.28
C TRP A 48 -9.92 -10.01 -27.79
N ARG A 49 -11.07 -9.51 -28.24
CA ARG A 49 -11.35 -9.48 -29.68
C ARG A 49 -10.58 -8.37 -30.38
N ASN A 50 -10.80 -7.12 -29.97
CA ASN A 50 -10.19 -5.98 -30.63
C ASN A 50 -8.74 -5.87 -30.21
N HIS A 51 -7.82 -6.10 -31.15
CA HIS A 51 -6.39 -6.07 -30.85
C HIS A 51 -5.83 -4.65 -30.70
N HIS A 52 -6.52 -3.64 -31.24
CA HIS A 52 -6.09 -2.27 -31.03
C HIS A 52 -6.39 -1.79 -29.62
N MET A 53 -7.31 -2.45 -28.93
CA MET A 53 -7.69 -2.11 -27.56
C MET A 53 -6.76 -2.69 -26.51
N ARG A 54 -5.72 -3.44 -26.92
CA ARG A 54 -4.82 -4.08 -25.97
C ARG A 54 -3.71 -3.13 -25.55
N THR A 55 -4.13 -2.01 -24.95
CA THR A 55 -3.21 -1.05 -24.38
C THR A 55 -2.90 -1.41 -22.93
N VAL A 56 -1.89 -0.75 -22.37
CA VAL A 56 -1.52 -1.01 -20.98
C VAL A 56 -2.69 -0.67 -20.05
N THR A 57 -3.38 0.44 -20.33
CA THR A 57 -4.51 0.82 -19.49
C THR A 57 -5.61 -0.23 -19.55
N ASN A 58 -5.95 -0.68 -20.76
CA ASN A 58 -7.03 -1.65 -20.90
C ASN A 58 -6.68 -3.01 -20.31
N TYR A 59 -5.40 -3.38 -20.33
CA TYR A 59 -5.00 -4.62 -19.66
C TYR A 59 -5.23 -4.51 -18.15
N PHE A 60 -5.01 -3.31 -17.59
CA PHE A 60 -5.31 -3.12 -16.17
C PHE A 60 -6.82 -3.04 -15.93
N LEU A 61 -7.56 -2.42 -16.86
CA LEU A 61 -9.01 -2.37 -16.72
C LEU A 61 -9.61 -3.77 -16.75
N VAL A 62 -9.03 -4.67 -17.54
CA VAL A 62 -9.50 -6.05 -17.53
C VAL A 62 -9.24 -6.70 -16.18
N ASN A 63 -8.10 -6.38 -15.56
CA ASN A 63 -7.82 -6.89 -14.23
C ASN A 63 -8.82 -6.35 -13.22
N LEU A 64 -9.25 -5.10 -13.40
CA LEU A 64 -10.28 -4.54 -12.53
C LEU A 64 -11.59 -5.30 -12.69
N SER A 65 -11.92 -5.69 -13.91
CA SER A 65 -13.13 -6.48 -14.14
C SER A 65 -13.02 -7.86 -13.50
N LEU A 66 -11.82 -8.43 -13.46
CA LEU A 66 -11.66 -9.73 -12.78
C LEU A 66 -11.92 -9.59 -11.29
N ALA A 67 -11.40 -8.53 -10.66
CA ALA A 67 -11.69 -8.30 -9.25
C ALA A 67 -13.17 -8.02 -9.03
N ASP A 68 -13.79 -7.27 -9.94
CA ASP A 68 -15.22 -6.99 -9.79
C ASP A 68 -16.05 -8.26 -9.95
N VAL A 69 -15.66 -9.12 -10.88
CA VAL A 69 -16.38 -10.37 -11.07
C VAL A 69 -16.22 -11.28 -9.86
N LEU A 70 -15.01 -11.33 -9.30
CA LEU A 70 -14.77 -12.14 -8.11
C LEU A 70 -15.71 -11.74 -6.97
N ALA A 71 -15.88 -10.44 -6.75
CA ALA A 71 -16.77 -9.99 -5.68
C ALA A 71 -18.24 -10.22 -6.03
N THR A 72 -18.60 -10.00 -7.30
CA THR A 72 -20.01 -10.14 -7.69
C THR A 72 -20.47 -11.58 -7.64
N ALA A 73 -19.69 -12.50 -8.22
CA ALA A 73 -20.11 -13.89 -8.30
C ALA A 73 -20.20 -14.53 -6.91
N ILE A 74 -19.18 -14.33 -6.08
CA ILE A 74 -19.08 -15.03 -4.81
C ILE A 74 -19.64 -14.20 -3.66
N CYS A 75 -19.12 -12.99 -3.49
CA CYS A 75 -19.43 -12.20 -2.30
C CYS A 75 -20.83 -11.58 -2.35
N LEU A 76 -21.26 -11.08 -3.50
CA LEU A 76 -22.55 -10.41 -3.57
C LEU A 76 -23.70 -11.29 -3.10
N PRO A 77 -23.85 -12.54 -3.57
CA PRO A 77 -24.96 -13.37 -3.05
C PRO A 77 -24.89 -13.58 -1.55
N ALA A 78 -23.68 -13.75 -1.00
CA ALA A 78 -23.56 -13.90 0.45
C ALA A 78 -23.98 -12.63 1.18
N SER A 79 -23.55 -11.47 0.69
CA SER A 79 -23.92 -10.21 1.31
C SER A 79 -25.43 -10.00 1.29
N LEU A 80 -26.09 -10.45 0.23
CA LEU A 80 -27.53 -10.29 0.13
C LEU A 80 -28.26 -11.06 1.23
N LEU A 81 -27.85 -12.30 1.49
CA LEU A 81 -28.49 -13.08 2.55
C LEU A 81 -28.20 -12.49 3.93
N VAL A 82 -26.97 -12.02 4.15
CA VAL A 82 -26.63 -11.47 5.47
C VAL A 82 -27.44 -10.20 5.72
N ASP A 83 -27.63 -9.38 4.69
CA ASP A 83 -28.38 -8.14 4.85
C ASP A 83 -29.87 -8.38 5.01
N ILE A 84 -30.36 -9.59 4.72
CA ILE A 84 -31.76 -9.91 4.94
C ILE A 84 -31.97 -10.55 6.31
N THR A 85 -31.23 -11.63 6.59
CA THR A 85 -31.37 -12.37 7.83
C THR A 85 -30.47 -11.85 8.95
N GLU A 86 -29.39 -11.14 8.62
CA GLU A 86 -28.41 -10.71 9.62
C GLU A 86 -27.83 -11.93 10.36
N SER A 87 -27.62 -13.01 9.61
CA SER A 87 -27.05 -14.24 10.14
C SER A 87 -26.25 -14.91 9.04
N TRP A 88 -25.39 -15.86 9.44
CA TRP A 88 -24.52 -16.58 8.51
C TRP A 88 -25.06 -17.99 8.29
N LEU A 89 -25.40 -18.31 7.04
CA LEU A 89 -25.98 -19.58 6.67
C LEU A 89 -25.06 -20.42 5.78
N PHE A 90 -23.79 -20.04 5.65
CA PHE A 90 -22.87 -20.70 4.73
C PHE A 90 -21.79 -21.53 5.43
N GLY A 91 -21.88 -21.69 6.75
CA GLY A 91 -20.95 -22.54 7.46
C GLY A 91 -19.64 -21.86 7.84
N HIS A 92 -18.83 -22.63 8.59
CA HIS A 92 -17.60 -22.08 9.15
C HIS A 92 -16.57 -21.75 8.07
N ALA A 93 -16.42 -22.61 7.06
CA ALA A 93 -15.35 -22.43 6.09
C ALA A 93 -15.60 -21.18 5.25
N LEU A 94 -16.81 -21.02 4.71
CA LEU A 94 -17.13 -19.85 3.89
C LEU A 94 -17.13 -18.57 4.71
N CYS A 95 -17.28 -18.66 6.03
CA CYS A 95 -17.14 -17.50 6.91
C CYS A 95 -15.75 -16.90 6.83
N LYS A 96 -14.75 -17.70 6.47
CA LYS A 96 -13.40 -17.21 6.24
C LYS A 96 -13.15 -16.87 4.77
N VAL A 97 -13.63 -17.72 3.86
CA VAL A 97 -13.34 -17.52 2.44
C VAL A 97 -13.98 -16.23 1.94
N ILE A 98 -15.31 -16.15 2.01
CA ILE A 98 -16.01 -15.01 1.41
C ILE A 98 -15.51 -13.68 1.97
N PRO A 99 -15.44 -13.47 3.28
CA PRO A 99 -14.85 -12.21 3.77
C PRO A 99 -13.43 -11.99 3.27
N TYR A 100 -12.66 -13.07 3.15
CA TYR A 100 -11.30 -12.94 2.61
C TYR A 100 -11.32 -12.52 1.15
N LEU A 101 -12.17 -13.16 0.34
CA LEU A 101 -12.23 -12.84 -1.08
C LEU A 101 -12.69 -11.40 -1.31
N GLN A 102 -13.61 -10.91 -0.46
CA GLN A 102 -14.05 -9.53 -0.60
C GLN A 102 -12.90 -8.55 -0.34
N ALA A 103 -12.12 -8.80 0.71
CA ALA A 103 -10.96 -7.96 0.98
C ALA A 103 -9.93 -8.06 -0.14
N VAL A 104 -9.72 -9.28 -0.67
CA VAL A 104 -8.79 -9.44 -1.78
C VAL A 104 -9.27 -8.66 -3.00
N SER A 105 -10.58 -8.64 -3.23
CA SER A 105 -11.11 -7.93 -4.41
C SER A 105 -10.87 -6.43 -4.28
N VAL A 106 -11.02 -5.88 -3.08
CA VAL A 106 -10.83 -4.45 -2.89
C VAL A 106 -9.36 -4.08 -3.09
N SER A 107 -8.45 -4.88 -2.55
CA SER A 107 -7.02 -4.62 -2.72
C SER A 107 -6.64 -4.62 -4.20
N VAL A 108 -7.05 -5.66 -4.92
CA VAL A 108 -6.72 -5.75 -6.35
C VAL A 108 -7.26 -4.53 -7.09
N ALA A 109 -8.49 -4.12 -6.80
CA ALA A 109 -9.10 -3.01 -7.52
C ALA A 109 -8.32 -1.71 -7.28
N VAL A 110 -8.10 -1.35 -6.02
CA VAL A 110 -7.42 -0.10 -5.72
C VAL A 110 -5.97 -0.15 -6.19
N LEU A 111 -5.31 -1.31 -6.07
CA LEU A 111 -3.96 -1.40 -6.60
C LEU A 111 -3.94 -1.31 -8.12
N THR A 112 -5.00 -1.78 -8.78
CA THR A 112 -5.05 -1.68 -10.24
C THR A 112 -5.21 -0.24 -10.68
N LEU A 113 -6.10 0.50 -10.02
CA LEU A 113 -6.26 1.91 -10.34
C LEU A 113 -4.98 2.69 -10.04
N SER A 114 -4.26 2.29 -8.99
CA SER A 114 -3.00 2.95 -8.66
C SER A 114 -1.99 2.79 -9.78
N PHE A 115 -1.80 1.55 -10.26
CA PHE A 115 -0.83 1.31 -11.31
C PHE A 115 -1.25 1.98 -12.62
N ILE A 116 -2.55 2.17 -12.83
CA ILE A 116 -3.00 2.91 -14.00
C ILE A 116 -2.62 4.38 -13.89
N ALA A 117 -2.92 4.99 -12.75
CA ALA A 117 -2.53 6.38 -12.55
C ALA A 117 -1.02 6.53 -12.60
N LEU A 118 -0.28 5.57 -12.05
CA LEU A 118 1.17 5.62 -12.09
C LEU A 118 1.68 5.51 -13.52
N ASP A 119 1.07 4.63 -14.32
CA ASP A 119 1.48 4.49 -15.71
C ASP A 119 1.18 5.76 -16.50
N ARG A 120 0.00 6.35 -16.29
CA ARG A 120 -0.33 7.59 -16.98
C ARG A 120 0.55 8.73 -16.51
N TRP A 121 0.86 8.77 -15.21
CA TRP A 121 1.65 9.86 -14.66
C TRP A 121 3.05 9.90 -15.27
N TYR A 122 3.70 8.73 -15.37
CA TYR A 122 5.01 8.66 -16.02
C TYR A 122 4.93 8.78 -17.53
N ALA A 123 3.80 8.44 -18.14
CA ALA A 123 3.67 8.53 -19.59
C ALA A 123 3.46 9.96 -20.05
N ILE A 124 2.77 10.77 -19.25
CA ILE A 124 2.41 12.13 -19.64
C ILE A 124 3.26 13.17 -18.94
N CYS A 125 3.45 13.04 -17.63
CA CYS A 125 4.15 14.07 -16.87
C CYS A 125 5.67 13.89 -16.91
N HIS A 126 6.17 12.66 -16.79
CA HIS A 126 7.60 12.41 -16.72
C HIS A 126 8.05 11.33 -17.70
N PRO A 127 8.08 11.67 -18.99
CA PRO A 127 8.42 10.69 -20.02
C PRO A 127 9.87 10.23 -19.97
N LEU A 128 10.10 9.04 -20.52
CA LEU A 128 11.43 8.47 -20.72
C LEU A 128 12.18 8.17 -19.43
N LEU A 129 11.49 7.83 -18.34
CA LEU A 129 12.17 7.28 -17.17
C LEU A 129 11.94 5.78 -17.04
N PHE A 130 10.70 5.34 -17.19
CA PHE A 130 10.32 3.94 -17.08
C PHE A 130 9.47 3.57 -18.28
N LYS A 131 9.82 2.47 -18.93
CA LYS A 131 9.09 1.98 -20.09
C LYS A 131 7.93 1.10 -19.62
N SER A 132 6.74 1.33 -20.18
CA SER A 132 5.55 0.56 -19.85
C SER A 132 5.11 -0.19 -21.09
N THR A 133 5.19 -1.52 -21.05
CA THR A 133 4.76 -2.38 -22.14
C THR A 133 3.66 -3.31 -21.64
N ALA A 134 2.82 -3.77 -22.57
CA ALA A 134 1.79 -4.71 -22.19
C ALA A 134 2.38 -5.98 -21.61
N ARG A 135 3.57 -6.38 -22.08
CA ARG A 135 4.24 -7.53 -21.52
C ARG A 135 4.57 -7.31 -20.05
N ARG A 136 4.99 -6.10 -19.69
CA ARG A 136 5.28 -5.80 -18.29
C ARG A 136 4.03 -5.45 -17.49
N ALA A 137 2.95 -5.05 -18.16
CA ALA A 137 1.69 -4.85 -17.44
C ALA A 137 1.12 -6.19 -16.97
N LEU A 138 1.33 -7.25 -17.74
CA LEU A 138 0.91 -8.57 -17.31
C LEU A 138 1.68 -9.04 -16.10
N GLY A 139 2.94 -8.61 -15.96
CA GLY A 139 3.71 -8.95 -14.78
C GLY A 139 3.32 -8.12 -13.58
N SER A 140 2.90 -6.88 -13.80
CA SER A 140 2.38 -6.07 -12.71
C SER A 140 1.05 -6.64 -12.23
N ILE A 141 0.19 -7.06 -13.16
CA ILE A 141 -1.10 -7.63 -12.77
C ILE A 141 -0.91 -8.85 -11.89
N LEU A 142 0.07 -9.71 -12.21
CA LEU A 142 0.32 -10.88 -11.38
C LEU A 142 0.84 -10.48 -10.00
N GLY A 143 1.65 -9.43 -9.93
CA GLY A 143 2.12 -8.94 -8.65
C GLY A 143 1.00 -8.35 -7.81
N ILE A 144 0.05 -7.67 -8.47
CA ILE A 144 -1.09 -7.13 -7.76
C ILE A 144 -1.86 -8.25 -7.06
N TRP A 145 -2.05 -9.37 -7.76
CA TRP A 145 -2.78 -10.48 -7.15
C TRP A 145 -1.97 -11.14 -6.03
N ALA A 146 -0.66 -11.32 -6.23
CA ALA A 146 0.15 -11.94 -5.19
C ALA A 146 0.14 -11.12 -3.91
N VAL A 147 0.23 -9.79 -4.05
CA VAL A 147 0.23 -8.92 -2.87
C VAL A 147 -1.14 -8.94 -2.19
N SER A 148 -2.21 -8.75 -2.97
CA SER A 148 -3.55 -8.75 -2.40
C SER A 148 -3.87 -10.07 -1.72
N LEU A 149 -3.51 -11.19 -2.36
CA LEU A 149 -3.78 -12.49 -1.76
C LEU A 149 -3.04 -12.66 -0.43
N ALA A 150 -1.85 -12.08 -0.31
CA ALA A 150 -1.07 -12.24 0.91
C ALA A 150 -1.56 -11.33 2.03
N ILE A 151 -1.71 -10.03 1.76
CA ILE A 151 -1.98 -9.07 2.82
C ILE A 151 -3.37 -9.23 3.43
N MET A 152 -4.28 -9.92 2.74
CA MET A 152 -5.63 -10.12 3.27
C MET A 152 -5.76 -11.41 4.08
N VAL A 153 -4.67 -12.14 4.29
CA VAL A 153 -4.73 -13.34 5.14
C VAL A 153 -5.16 -13.01 6.55
N PRO A 154 -4.65 -11.96 7.20
CA PRO A 154 -5.09 -11.66 8.58
C PRO A 154 -6.58 -11.45 8.66
N GLN A 155 -7.20 -10.88 7.61
CA GLN A 155 -8.66 -10.75 7.59
C GLN A 155 -9.33 -12.11 7.71
N ALA A 156 -8.88 -13.08 6.91
CA ALA A 156 -9.42 -14.43 7.02
C ALA A 156 -9.14 -15.05 8.39
N ALA A 157 -7.96 -14.79 8.95
CA ALA A 157 -7.60 -15.42 10.21
C ALA A 157 -8.55 -15.04 11.34
N VAL A 158 -9.01 -13.79 11.36
CA VAL A 158 -9.84 -13.32 12.47
C VAL A 158 -11.31 -13.71 12.35
N MET A 159 -11.76 -14.16 11.19
CA MET A 159 -13.15 -14.55 11.02
C MET A 159 -13.48 -15.76 11.87
N GLU A 160 -14.62 -15.71 12.55
CA GLU A 160 -15.10 -16.84 13.33
C GLU A 160 -16.59 -16.99 13.12
N CYS A 161 -17.04 -18.24 13.01
CA CYS A 161 -18.45 -18.57 12.91
C CYS A 161 -18.86 -19.10 14.27
N SER A 162 -19.72 -18.38 14.97
CA SER A 162 -20.12 -18.75 16.31
C SER A 162 -21.62 -18.97 16.32
N SER A 163 -22.04 -20.05 16.99
CA SER A 163 -23.45 -20.31 17.12
C SER A 163 -24.03 -19.42 18.23
N VAL A 164 -25.28 -19.07 18.08
CA VAL A 164 -25.99 -18.24 19.04
C VAL A 164 -27.17 -19.06 19.54
N LEU A 165 -27.26 -19.20 20.86
CA LEU A 165 -28.33 -19.98 21.45
C LEU A 165 -29.33 -19.06 22.15
N ALA A 174 -29.21 -21.91 17.50
CA ALA A 174 -30.17 -22.14 16.44
C ALA A 174 -29.74 -21.46 15.14
N PHE A 175 -29.06 -20.32 15.26
CA PHE A 175 -28.53 -19.61 14.11
C PHE A 175 -27.07 -19.26 14.37
N SER A 176 -26.30 -19.16 13.29
CA SER A 176 -24.89 -18.80 13.33
C SER A 176 -24.68 -17.34 12.92
N VAL A 177 -23.56 -16.78 13.35
CA VAL A 177 -23.12 -15.45 12.95
C VAL A 177 -21.65 -15.50 12.58
N CYS A 178 -21.28 -14.79 11.51
CA CYS A 178 -19.90 -14.64 11.08
C CYS A 178 -19.40 -13.26 11.49
N ASP A 179 -18.40 -13.21 12.37
CA ASP A 179 -17.86 -11.94 12.84
C ASP A 179 -16.39 -12.11 13.17
N GLU A 180 -15.73 -10.98 13.38
CA GLU A 180 -14.29 -10.99 13.66
C GLU A 180 -14.02 -11.30 15.12
N ARG A 181 -13.03 -12.14 15.37
CA ARG A 181 -12.62 -12.51 16.73
C ARG A 181 -11.32 -11.79 17.05
N TRP A 182 -11.38 -10.85 18.00
CA TRP A 182 -10.23 -10.06 18.41
C TRP A 182 -9.92 -10.31 19.88
N ALA A 183 -8.67 -10.67 20.16
CA ALA A 183 -8.24 -10.95 21.53
C ALA A 183 -8.22 -9.70 22.41
N ASP A 184 -8.12 -8.51 21.83
CA ASP A 184 -8.04 -7.31 22.63
C ASP A 184 -8.66 -6.14 21.87
N ASP A 185 -8.94 -5.07 22.61
CA ASP A 185 -9.61 -3.91 22.03
C ASP A 185 -8.71 -3.12 21.09
N LEU A 186 -7.39 -3.19 21.27
CA LEU A 186 -6.49 -2.34 20.49
C LEU A 186 -6.26 -2.88 19.08
N ALA A 187 -6.08 -4.19 18.94
CA ALA A 187 -5.78 -4.78 17.63
C ALA A 187 -6.80 -4.41 16.56
N PRO A 188 -8.11 -4.57 16.77
CA PRO A 188 -9.06 -4.15 15.72
C PRO A 188 -8.95 -2.67 15.37
N LYS A 189 -8.64 -1.82 16.34
CA LYS A 189 -8.50 -0.41 16.06
C LYS A 189 -7.28 -0.14 15.17
N ILE A 190 -6.15 -0.79 15.47
CA ILE A 190 -4.95 -0.60 14.66
C ILE A 190 -5.14 -1.22 13.28
N TYR A 191 -5.73 -2.42 13.22
CA TYR A 191 -5.90 -3.08 11.92
C TYR A 191 -6.83 -2.29 11.01
N HIS A 192 -8.02 -1.96 11.51
CA HIS A 192 -9.00 -1.28 10.67
C HIS A 192 -8.59 0.16 10.36
N SER A 193 -7.69 0.74 11.15
CA SER A 193 -7.12 2.02 10.77
C SER A 193 -6.20 1.86 9.56
N CYS A 194 -5.33 0.84 9.61
CA CYS A 194 -4.44 0.57 8.47
C CYS A 194 -5.24 0.15 7.24
N PHE A 195 -6.28 -0.66 7.43
CA PHE A 195 -7.10 -1.09 6.30
C PHE A 195 -7.69 0.11 5.56
N PHE A 196 -8.26 1.06 6.30
CA PHE A 196 -8.87 2.22 5.67
C PHE A 196 -7.84 3.05 4.90
N ILE A 197 -6.67 3.27 5.50
CA ILE A 197 -5.65 4.11 4.86
C ILE A 197 -5.02 3.38 3.69
N VAL A 198 -4.72 2.08 3.85
CA VAL A 198 -3.99 1.36 2.82
C VAL A 198 -4.88 1.10 1.60
N THR A 199 -6.11 0.66 1.82
CA THR A 199 -7.01 0.33 0.72
C THR A 199 -7.82 1.52 0.22
N TYR A 200 -7.87 2.63 0.96
CA TYR A 200 -8.70 3.74 0.50
C TYR A 200 -7.96 5.07 0.46
N LEU A 201 -7.71 5.65 1.64
CA LEU A 201 -7.31 7.06 1.70
C LEU A 201 -6.02 7.31 0.94
N ALA A 202 -4.96 6.57 1.28
CA ALA A 202 -3.65 6.87 0.68
C ALA A 202 -3.64 6.71 -0.84
N PRO A 203 -4.03 5.57 -1.41
CA PRO A 203 -4.00 5.46 -2.89
C PRO A 203 -4.88 6.47 -3.61
N LEU A 204 -6.10 6.72 -3.11
CA LEU A 204 -6.98 7.66 -3.78
C LEU A 204 -6.47 9.09 -3.65
N GLY A 205 -5.87 9.43 -2.52
CA GLY A 205 -5.28 10.76 -2.38
C GLY A 205 -4.11 10.96 -3.31
N LEU A 206 -3.27 9.93 -3.46
CA LEU A 206 -2.19 10.00 -4.43
C LEU A 206 -2.72 10.01 -5.86
N MET A 207 -3.76 9.21 -6.13
CA MET A 207 -4.34 9.19 -7.46
C MET A 207 -4.93 10.55 -7.84
N ALA A 208 -5.63 11.19 -6.89
CA ALA A 208 -6.17 12.51 -7.17
C ALA A 208 -5.07 13.50 -7.53
N MET A 209 -3.97 13.49 -6.78
CA MET A 209 -2.86 14.38 -7.09
C MET A 209 -2.18 14.02 -8.40
N ALA A 210 -2.17 12.73 -8.76
CA ALA A 210 -1.59 12.35 -10.03
C ALA A 210 -2.44 12.84 -11.20
N TYR A 211 -3.74 12.59 -11.15
CA TYR A 211 -4.62 13.03 -12.22
C TYR A 211 -4.75 14.55 -12.28
N PHE A 212 -4.59 15.25 -11.15
CA PHE A 212 -4.58 16.70 -11.20
C PHE A 212 -3.37 17.22 -11.98
N GLN A 213 -2.20 16.60 -11.77
CA GLN A 213 -1.03 16.96 -12.57
C GLN A 213 -1.21 16.54 -14.02
N ILE A 214 -1.84 15.39 -14.25
CA ILE A 214 -2.09 14.95 -15.62
C ILE A 214 -3.06 15.91 -16.31
N PHE A 215 -4.05 16.40 -15.57
CA PHE A 215 -4.98 17.37 -16.13
C PHE A 215 -4.28 18.65 -16.53
N ARG A 216 -3.32 19.12 -15.71
CA ARG A 216 -2.62 20.35 -16.03
C ARG A 216 -1.81 20.21 -17.31
N LYS A 217 -1.21 19.03 -17.54
CA LYS A 217 -0.40 18.84 -18.73
C LYS A 217 -1.24 18.76 -19.99
N LEU A 218 -2.33 17.97 -19.94
CA LEU A 218 -3.11 17.73 -21.15
C LEU A 218 -3.97 18.93 -21.53
N TRP A 219 -4.48 19.66 -20.55
CA TRP A 219 -5.37 20.78 -20.84
C TRP A 219 -4.72 22.12 -20.51
N THR A 227 3.05 20.14 -33.81
CA THR A 227 3.22 18.86 -34.48
C THR A 227 1.87 18.15 -34.59
N SER A 228 1.53 17.68 -35.79
CA SER A 228 0.24 17.02 -35.99
C SER A 228 0.14 15.68 -35.27
N ALA A 261 1.26 15.00 -35.07
CA ALA A 261 1.23 13.74 -34.33
C ALA A 261 1.05 13.96 -32.84
N GLU A 262 1.73 14.97 -32.30
CA GLU A 262 1.61 15.27 -30.88
C GLU A 262 0.21 15.78 -30.53
N VAL A 263 -0.45 16.47 -31.45
CA VAL A 263 -1.82 16.88 -31.21
C VAL A 263 -2.75 15.67 -31.27
N LYS A 264 -2.49 14.76 -32.20
CA LYS A 264 -3.26 13.52 -32.26
C LYS A 264 -3.04 12.68 -31.00
N GLN A 265 -1.82 12.71 -30.46
CA GLN A 265 -1.53 11.98 -29.24
C GLN A 265 -2.27 12.58 -28.04
N MET A 266 -2.25 13.92 -27.93
CA MET A 266 -2.91 14.57 -26.80
C MET A 266 -4.41 14.32 -26.80
N ARG A 267 -5.06 14.50 -27.96
CA ARG A 267 -6.50 14.36 -28.01
C ARG A 267 -6.94 12.93 -27.68
N ALA A 268 -6.09 11.95 -27.99
CA ALA A 268 -6.41 10.58 -27.58
C ALA A 268 -6.17 10.40 -26.09
N ARG A 269 -5.05 10.91 -25.58
CA ARG A 269 -4.79 10.84 -24.14
C ARG A 269 -5.83 11.58 -23.33
N ARG A 270 -6.37 12.67 -23.89
CA ARG A 270 -7.42 13.40 -23.19
C ARG A 270 -8.68 12.56 -23.02
N LYS A 271 -9.02 11.77 -24.05
CA LYS A 271 -10.22 10.94 -23.96
C LYS A 271 -10.08 9.89 -22.88
N THR A 272 -8.87 9.36 -22.68
CA THR A 272 -8.65 8.36 -21.64
C THR A 272 -8.61 8.98 -20.26
N ALA A 273 -7.91 10.11 -20.11
CA ALA A 273 -7.85 10.78 -18.81
C ALA A 273 -9.25 11.15 -18.31
N LYS A 274 -10.09 11.67 -19.21
CA LYS A 274 -11.46 12.00 -18.84
C LYS A 274 -12.21 10.77 -18.35
N MET A 275 -11.98 9.62 -18.97
CA MET A 275 -12.62 8.39 -18.54
C MET A 275 -12.05 7.90 -17.21
N LEU A 276 -10.72 7.79 -17.12
CA LEU A 276 -10.11 7.25 -15.92
C LEU A 276 -10.42 8.10 -14.69
N MET A 277 -10.48 9.43 -14.86
CA MET A 277 -10.80 10.28 -13.72
C MET A 277 -12.20 10.03 -13.20
N VAL A 278 -13.14 9.69 -14.10
CA VAL A 278 -14.49 9.35 -13.66
C VAL A 278 -14.50 8.02 -12.93
N VAL A 279 -13.75 7.04 -13.42
CA VAL A 279 -13.66 5.74 -12.75
C VAL A 279 -13.12 5.92 -11.34
N VAL A 280 -12.05 6.70 -11.20
CA VAL A 280 -11.49 6.93 -9.87
C VAL A 280 -12.47 7.70 -8.99
N LEU A 281 -13.22 8.63 -9.58
CA LEU A 281 -14.18 9.41 -8.79
C LEU A 281 -15.36 8.55 -8.36
N VAL A 282 -15.91 7.74 -9.27
CA VAL A 282 -17.01 6.86 -8.90
C VAL A 282 -16.56 5.82 -7.89
N PHE A 283 -15.32 5.34 -8.03
CA PHE A 283 -14.77 4.38 -7.08
C PHE A 283 -14.68 4.99 -5.68
N ALA A 284 -14.13 6.21 -5.59
CA ALA A 284 -14.01 6.87 -4.28
C ALA A 284 -15.38 7.10 -3.65
N LEU A 285 -16.39 7.39 -4.47
CA LEU A 285 -17.73 7.63 -3.92
C LEU A 285 -18.39 6.31 -3.51
N CYS A 286 -18.31 5.30 -4.35
CA CYS A 286 -18.94 4.02 -4.04
C CYS A 286 -18.36 3.40 -2.78
N TYR A 287 -17.07 3.61 -2.52
CA TYR A 287 -16.42 2.99 -1.39
C TYR A 287 -16.33 3.87 -0.15
N LEU A 288 -16.66 5.16 -0.27
CA LEU A 288 -16.59 6.03 0.91
C LEU A 288 -17.54 5.58 2.01
N PRO A 289 -18.83 5.33 1.76
CA PRO A 289 -19.75 5.02 2.87
C PRO A 289 -19.34 3.82 3.71
N ILE A 290 -18.98 2.70 3.08
CA ILE A 290 -18.61 1.52 3.86
C ILE A 290 -17.31 1.76 4.62
N SER A 291 -16.35 2.41 3.97
CA SER A 291 -15.08 2.69 4.64
C SER A 291 -15.27 3.55 5.88
N VAL A 292 -16.12 4.58 5.78
CA VAL A 292 -16.41 5.42 6.95
C VAL A 292 -17.14 4.61 8.01
N LEU A 293 -18.13 3.82 7.60
CA LEU A 293 -18.90 3.04 8.58
C LEU A 293 -18.01 2.03 9.29
N ASN A 294 -17.04 1.44 8.60
CA ASN A 294 -16.16 0.48 9.26
C ASN A 294 -15.23 1.17 10.25
N VAL A 295 -14.78 2.38 9.93
CA VAL A 295 -13.92 3.12 10.86
C VAL A 295 -14.69 3.54 12.10
N LEU A 296 -15.92 4.04 11.92
CA LEU A 296 -16.73 4.44 13.07
C LEU A 296 -17.05 3.26 13.97
N LYS A 297 -17.30 2.09 13.36
CA LYS A 297 -17.63 0.90 14.13
C LYS A 297 -16.39 0.29 14.79
N ARG A 298 -15.34 0.05 13.99
CA ARG A 298 -14.20 -0.70 14.48
C ARG A 298 -13.20 0.16 15.26
N VAL A 299 -13.00 1.41 14.89
CA VAL A 299 -12.00 2.27 15.52
C VAL A 299 -12.61 3.16 16.59
N PHE A 300 -13.83 3.63 16.39
CA PHE A 300 -14.46 4.55 17.34
C PHE A 300 -15.55 3.89 18.17
N GLY A 301 -15.74 2.57 18.04
CA GLY A 301 -16.66 1.85 18.90
C GLY A 301 -18.11 2.29 18.82
N MET A 302 -18.54 2.78 17.66
CA MET A 302 -19.91 3.22 17.47
C MET A 302 -20.84 2.05 17.11
N PHE A 303 -22.15 2.35 17.12
CA PHE A 303 -23.19 1.40 16.73
C PHE A 303 -23.25 0.18 17.64
N ARG A 304 -22.93 0.34 18.93
CA ARG A 304 -23.10 -0.77 19.85
C ARG A 304 -24.50 -0.84 20.45
N GLN A 305 -25.17 0.31 20.58
CA GLN A 305 -26.52 0.34 21.13
C GLN A 305 -27.52 -0.30 20.18
N ALA A 306 -28.44 -1.08 20.76
CA ALA A 306 -29.45 -1.84 20.03
C ALA A 306 -30.73 -1.07 19.74
N SER A 307 -30.84 0.21 20.14
CA SER A 307 -32.08 0.93 19.88
C SER A 307 -32.24 1.28 18.41
N ASP A 308 -31.19 1.82 17.80
CA ASP A 308 -31.17 2.15 16.38
C ASP A 308 -30.79 0.96 15.49
N ARG A 309 -31.01 -0.27 15.97
CA ARG A 309 -30.57 -1.46 15.26
C ARG A 309 -30.93 -1.44 13.77
N GLU A 310 -32.20 -1.20 13.45
CA GLU A 310 -32.61 -1.26 12.04
C GLU A 310 -31.97 -0.16 11.21
N ALA A 311 -31.83 1.05 11.76
CA ALA A 311 -31.18 2.11 11.01
C ALA A 311 -29.72 1.78 10.74
N VAL A 312 -29.06 1.12 11.69
CA VAL A 312 -27.68 0.71 11.48
C VAL A 312 -27.60 -0.36 10.40
N TYR A 313 -28.54 -1.32 10.43
CA TYR A 313 -28.58 -2.34 9.37
C TYR A 313 -28.87 -1.71 8.02
N ALA A 314 -29.77 -0.72 7.99
CA ALA A 314 -30.08 -0.05 6.73
C ALA A 314 -28.88 0.71 6.18
N ALA A 315 -28.09 1.32 7.07
CA ALA A 315 -26.92 2.08 6.61
C ALA A 315 -25.85 1.16 6.05
N PHE A 316 -25.52 0.09 6.78
CA PHE A 316 -24.52 -0.86 6.27
C PHE A 316 -25.02 -1.58 5.04
N THR A 317 -26.33 -1.87 4.97
CA THR A 317 -26.87 -2.57 3.81
C THR A 317 -26.70 -1.73 2.55
N PHE A 318 -27.09 -0.46 2.61
CA PHE A 318 -26.93 0.41 1.44
C PHE A 318 -25.45 0.57 1.08
N SER A 319 -24.58 0.61 2.09
CA SER A 319 -23.15 0.73 1.81
C SER A 319 -22.59 -0.55 1.20
N HIS A 320 -23.09 -1.71 1.62
CA HIS A 320 -22.67 -2.96 1.00
C HIS A 320 -23.07 -2.99 -0.47
N TRP A 321 -24.31 -2.56 -0.76
CA TRP A 321 -24.77 -2.53 -2.14
C TRP A 321 -23.98 -1.54 -2.98
N LEU A 322 -23.61 -0.41 -2.40
CA LEU A 322 -22.87 0.60 -3.16
C LEU A 322 -21.53 0.05 -3.66
N VAL A 323 -20.89 -0.81 -2.86
CA VAL A 323 -19.64 -1.42 -3.30
C VAL A 323 -19.88 -2.28 -4.54
N TYR A 324 -20.90 -3.13 -4.48
CA TYR A 324 -21.22 -3.99 -5.61
C TYR A 324 -21.73 -3.20 -6.81
N ALA A 325 -22.41 -2.06 -6.57
CA ALA A 325 -22.85 -1.22 -7.67
C ALA A 325 -21.67 -0.68 -8.46
N ASN A 326 -20.51 -0.51 -7.81
CA ASN A 326 -19.33 -0.03 -8.51
C ASN A 326 -18.93 -0.98 -9.63
N SER A 327 -19.06 -2.28 -9.41
CA SER A 327 -18.73 -3.23 -10.46
C SER A 327 -19.65 -3.08 -11.66
N ALA A 328 -20.91 -2.70 -11.43
CA ALA A 328 -21.83 -2.44 -12.53
C ALA A 328 -21.58 -1.09 -13.18
N ALA A 329 -21.04 -0.13 -12.41
CA ALA A 329 -20.80 1.19 -12.96
C ALA A 329 -19.67 1.19 -13.99
N ASN A 330 -18.59 0.49 -13.70
CA ASN A 330 -17.40 0.58 -14.55
C ASN A 330 -17.66 0.27 -16.02
N PRO A 331 -18.26 -0.86 -16.38
CA PRO A 331 -18.56 -1.09 -17.81
C PRO A 331 -19.47 -0.02 -18.41
N ILE A 332 -20.42 0.49 -17.63
CA ILE A 332 -21.28 1.56 -18.12
C ILE A 332 -20.48 2.81 -18.36
N ILE A 333 -19.48 3.08 -17.51
CA ILE A 333 -18.62 4.23 -17.69
C ILE A 333 -17.80 4.09 -18.97
N TYR A 334 -17.28 2.89 -19.23
CA TYR A 334 -16.49 2.69 -20.44
C TYR A 334 -17.34 2.87 -21.69
N ASN A 335 -18.65 2.64 -21.59
CA ASN A 335 -19.52 2.75 -22.75
C ASN A 335 -19.70 4.20 -23.18
N PHE A 336 -19.94 5.09 -22.22
CA PHE A 336 -20.21 6.48 -22.56
C PHE A 336 -18.94 7.30 -22.81
N LEU A 337 -17.83 6.96 -22.14
CA LEU A 337 -16.61 7.74 -22.24
C LEU A 337 -15.53 7.09 -23.12
N SER A 338 -15.82 5.95 -23.72
CA SER A 338 -14.87 5.29 -24.61
C SER A 338 -15.62 4.79 -25.84
N GLY A 339 -15.31 5.37 -27.00
CA GLY A 339 -15.95 4.92 -28.22
C GLY A 339 -15.51 3.54 -28.67
N LYS A 340 -14.27 3.16 -28.34
CA LYS A 340 -13.79 1.82 -28.71
C LYS A 340 -14.50 0.73 -27.92
N PHE A 341 -14.74 0.96 -26.63
CA PHE A 341 -15.55 0.02 -25.87
C PHE A 341 -17.01 0.07 -26.33
N ARG A 342 -17.52 1.29 -26.57
CA ARG A 342 -18.90 1.44 -27.04
C ARG A 342 -19.14 0.62 -28.30
N GLU A 343 -18.19 0.64 -29.24
CA GLU A 343 -18.34 -0.12 -30.47
C GLU A 343 -18.53 -1.60 -30.16
N GLN A 344 -17.64 -2.17 -29.34
CA GLN A 344 -17.73 -3.60 -29.02
C GLN A 344 -18.97 -3.92 -28.20
N PHE A 345 -19.42 -2.99 -27.34
CA PHE A 345 -20.63 -3.25 -26.57
C PHE A 345 -21.86 -3.25 -27.46
N LYS A 346 -21.89 -2.36 -28.47
CA LYS A 346 -22.97 -2.39 -29.43
C LYS A 346 -22.92 -3.64 -30.29
N ALA A 347 -21.72 -4.13 -30.59
CA ALA A 347 -21.61 -5.38 -31.34
C ALA A 347 -22.11 -6.57 -30.53
N ALA A 348 -22.00 -6.52 -29.20
CA ALA A 348 -22.46 -7.64 -28.37
C ALA A 348 -23.97 -7.69 -28.32
N PHE A 349 -24.63 -6.55 -28.12
CA PHE A 349 -26.09 -6.55 -28.09
C PHE A 349 -26.68 -6.92 -29.44
N SER A 350 -25.99 -6.57 -30.53
CA SER A 350 -26.49 -6.95 -31.86
C SER A 350 -26.41 -8.45 -32.08
N TRP A 351 -25.36 -9.09 -31.56
CA TRP A 351 -25.20 -10.53 -31.80
C TRP A 351 -26.03 -11.38 -30.85
N TRP A 352 -25.90 -11.15 -29.54
CA TRP A 352 -26.62 -11.96 -28.58
C TRP A 352 -27.76 -11.18 -27.91
N LYS B 19 25.72 23.22 23.56
CA LYS B 19 25.90 21.81 23.21
C LYS B 19 27.21 21.27 23.75
N GLN B 20 27.12 20.14 24.48
CA GLN B 20 28.31 19.44 24.96
C GLN B 20 28.68 18.20 24.14
N TYR B 21 27.75 17.60 23.40
CA TYR B 21 27.97 16.37 22.65
C TYR B 21 28.35 16.60 21.18
N ALA B 22 28.88 17.77 20.82
CA ALA B 22 29.19 18.01 19.41
C ALA B 22 30.26 17.06 18.87
N TRP B 23 31.22 16.68 19.69
CA TRP B 23 32.24 15.73 19.24
C TRP B 23 31.63 14.35 18.98
N VAL B 24 30.87 13.84 19.95
CA VAL B 24 30.24 12.53 19.78
C VAL B 24 29.31 12.54 18.57
N LEU B 25 28.62 13.65 18.35
CA LEU B 25 27.69 13.73 17.23
C LEU B 25 28.41 13.58 15.89
N ILE B 26 29.53 14.29 15.71
CA ILE B 26 30.23 14.25 14.44
C ILE B 26 30.95 12.91 14.26
N ALA B 27 31.54 12.40 15.33
CA ALA B 27 32.20 11.10 15.23
C ALA B 27 31.20 10.00 14.89
N ALA B 28 30.01 10.03 15.51
CA ALA B 28 28.99 9.04 15.19
C ALA B 28 28.54 9.15 13.73
N TYR B 29 28.32 10.37 13.26
CA TYR B 29 27.89 10.55 11.88
C TYR B 29 28.98 10.15 10.90
N VAL B 30 30.25 10.44 11.23
CA VAL B 30 31.35 10.09 10.33
C VAL B 30 31.56 8.58 10.31
N ALA B 31 31.56 7.94 11.48
CA ALA B 31 31.74 6.50 11.55
C ALA B 31 30.65 5.77 10.77
N VAL B 32 29.40 6.22 10.88
CA VAL B 32 28.31 5.59 10.13
C VAL B 32 28.47 5.85 8.65
N PHE B 33 28.85 7.08 8.28
CA PHE B 33 29.04 7.43 6.87
C PHE B 33 30.05 6.50 6.21
N VAL B 34 31.20 6.31 6.83
CA VAL B 34 32.24 5.46 6.25
C VAL B 34 31.77 4.01 6.17
N VAL B 35 31.32 3.47 7.30
CA VAL B 35 30.96 2.05 7.34
C VAL B 35 29.81 1.76 6.37
N ALA B 36 28.84 2.67 6.28
CA ALA B 36 27.72 2.42 5.37
C ALA B 36 28.14 2.44 3.92
N LEU B 37 29.10 3.30 3.55
CA LEU B 37 29.53 3.38 2.16
C LEU B 37 30.38 2.18 1.78
N VAL B 38 31.33 1.79 2.64
CA VAL B 38 32.17 0.64 2.34
C VAL B 38 31.35 -0.64 2.37
N GLY B 39 30.59 -0.86 3.44
CA GLY B 39 29.82 -2.10 3.55
C GLY B 39 28.83 -2.28 2.42
N ASN B 40 28.04 -1.23 2.14
CA ASN B 40 27.01 -1.34 1.11
C ASN B 40 27.59 -1.45 -0.29
N THR B 41 28.79 -0.93 -0.52
CA THR B 41 29.46 -1.18 -1.80
C THR B 41 29.96 -2.61 -1.87
N LEU B 42 30.46 -3.14 -0.75
CA LEU B 42 30.92 -4.53 -0.73
C LEU B 42 29.76 -5.49 -1.00
N VAL B 43 28.57 -5.17 -0.50
CA VAL B 43 27.42 -6.03 -0.75
C VAL B 43 27.16 -6.17 -2.25
N CYS B 44 27.15 -5.04 -2.96
CA CYS B 44 26.97 -5.07 -4.41
C CYS B 44 28.12 -5.79 -5.11
N LEU B 45 29.33 -5.71 -4.57
CA LEU B 45 30.45 -6.42 -5.17
C LEU B 45 30.34 -7.93 -4.92
N ALA B 46 30.04 -8.33 -3.68
CA ALA B 46 29.96 -9.75 -3.37
C ALA B 46 28.91 -10.45 -4.22
N VAL B 47 27.79 -9.78 -4.50
CA VAL B 47 26.77 -10.40 -5.34
C VAL B 47 27.18 -10.40 -6.81
N TRP B 48 27.90 -9.35 -7.24
CA TRP B 48 28.36 -9.31 -8.63
C TRP B 48 29.44 -10.36 -8.89
N ARG B 49 30.32 -10.60 -7.91
CA ARG B 49 31.40 -11.56 -8.08
C ARG B 49 30.89 -12.99 -8.04
N ASN B 50 30.32 -13.38 -6.91
CA ASN B 50 29.88 -14.76 -6.70
C ASN B 50 28.57 -14.98 -7.44
N HIS B 51 28.59 -15.82 -8.48
CA HIS B 51 27.39 -16.08 -9.27
C HIS B 51 26.40 -16.99 -8.57
N HIS B 52 26.85 -17.76 -7.57
CA HIS B 52 25.92 -18.57 -6.80
C HIS B 52 25.09 -17.72 -5.85
N MET B 53 25.56 -16.52 -5.54
CA MET B 53 24.87 -15.60 -4.64
C MET B 53 23.79 -14.79 -5.33
N ARG B 54 23.59 -14.97 -6.64
CA ARG B 54 22.60 -14.19 -7.39
C ARG B 54 21.22 -14.83 -7.27
N THR B 55 20.76 -14.91 -6.03
CA THR B 55 19.43 -15.37 -5.71
C THR B 55 18.46 -14.20 -5.70
N VAL B 56 17.15 -14.53 -5.67
CA VAL B 56 16.15 -13.47 -5.62
C VAL B 56 16.30 -12.64 -4.36
N THR B 57 16.59 -13.29 -3.23
CA THR B 57 16.75 -12.56 -1.98
C THR B 57 17.90 -11.57 -2.05
N ASN B 58 19.06 -12.02 -2.55
CA ASN B 58 20.23 -11.15 -2.60
C ASN B 58 20.06 -10.02 -3.60
N TYR B 59 19.32 -10.24 -4.69
CA TYR B 59 19.06 -9.16 -5.63
C TYR B 59 18.26 -8.05 -4.97
N PHE B 60 17.33 -8.41 -4.07
CA PHE B 60 16.60 -7.39 -3.32
C PHE B 60 17.49 -6.73 -2.27
N LEU B 61 18.37 -7.52 -1.64
CA LEU B 61 19.30 -6.93 -0.67
C LEU B 61 20.21 -5.92 -1.33
N VAL B 62 20.60 -6.16 -2.58
CA VAL B 62 21.40 -5.16 -3.30
C VAL B 62 20.59 -3.89 -3.52
N ASN B 63 19.29 -4.05 -3.80
CA ASN B 63 18.44 -2.87 -3.95
C ASN B 63 18.35 -2.09 -2.65
N LEU B 64 18.35 -2.79 -1.51
CA LEU B 64 18.38 -2.13 -0.22
C LEU B 64 19.68 -1.34 -0.04
N SER B 65 20.80 -1.91 -0.50
CA SER B 65 22.07 -1.19 -0.42
C SER B 65 22.08 0.05 -1.30
N LEU B 66 21.41 0.01 -2.44
CA LEU B 66 21.32 1.21 -3.27
C LEU B 66 20.51 2.28 -2.56
N ALA B 67 19.40 1.91 -1.93
CA ALA B 67 18.63 2.87 -1.15
C ALA B 67 19.43 3.37 0.04
N ASP B 68 20.20 2.49 0.68
CA ASP B 68 21.01 2.92 1.81
C ASP B 68 22.12 3.86 1.36
N VAL B 69 22.72 3.59 0.19
CA VAL B 69 23.77 4.46 -0.31
C VAL B 69 23.21 5.84 -0.67
N LEU B 70 22.03 5.87 -1.30
CA LEU B 70 21.41 7.14 -1.65
C LEU B 70 21.23 8.03 -0.44
N ALA B 71 20.76 7.45 0.68
CA ALA B 71 20.56 8.25 1.88
C ALA B 71 21.88 8.63 2.54
N THR B 72 22.85 7.71 2.54
CA THR B 72 24.13 7.98 3.20
C THR B 72 24.93 9.04 2.45
N ALA B 73 25.05 8.89 1.12
CA ALA B 73 25.89 9.80 0.35
C ALA B 73 25.34 11.23 0.38
N ILE B 74 24.05 11.39 0.14
CA ILE B 74 23.44 12.71 -0.04
C ILE B 74 22.83 13.23 1.24
N CYS B 75 21.91 12.46 1.85
CA CYS B 75 21.11 12.98 2.94
C CYS B 75 21.90 13.06 4.25
N LEU B 76 22.74 12.06 4.54
CA LEU B 76 23.45 12.05 5.81
C LEU B 76 24.27 13.31 6.04
N PRO B 77 25.12 13.76 5.11
CA PRO B 77 25.86 15.01 5.36
C PRO B 77 24.96 16.21 5.61
N ALA B 78 23.83 16.29 4.91
CA ALA B 78 22.91 17.40 5.14
C ALA B 78 22.30 17.34 6.54
N SER B 79 21.89 16.15 6.98
CA SER B 79 21.32 16.00 8.31
C SER B 79 22.33 16.37 9.38
N LEU B 80 23.61 16.07 9.15
CA LEU B 80 24.64 16.38 10.13
C LEU B 80 24.77 17.90 10.32
N LEU B 81 24.75 18.65 9.22
CA LEU B 81 24.87 20.10 9.34
C LEU B 81 23.63 20.71 9.99
N VAL B 82 22.45 20.17 9.69
CA VAL B 82 21.22 20.70 10.27
C VAL B 82 21.17 20.45 11.78
N ASP B 83 21.61 19.26 12.22
CA ASP B 83 21.52 18.92 13.63
C ASP B 83 22.53 19.64 14.51
N ILE B 84 23.56 20.24 13.92
CA ILE B 84 24.51 21.04 14.67
C ILE B 84 24.14 22.51 14.64
N THR B 85 23.91 23.05 13.43
CA THR B 85 23.61 24.46 13.27
C THR B 85 22.13 24.77 13.47
N GLU B 86 21.26 23.77 13.32
CA GLU B 86 19.81 23.97 13.40
C GLU B 86 19.35 25.03 12.38
N SER B 87 19.97 25.00 11.21
CA SER B 87 19.63 25.91 10.12
C SER B 87 19.90 25.23 8.80
N TRP B 88 19.30 25.75 7.74
CA TRP B 88 19.45 25.22 6.39
C TRP B 88 20.37 26.15 5.61
N LEU B 89 21.50 25.62 5.16
CA LEU B 89 22.51 26.40 4.46
C LEU B 89 22.65 26.01 2.99
N PHE B 90 21.72 25.22 2.46
CA PHE B 90 21.87 24.69 1.11
C PHE B 90 20.90 25.29 0.10
N GLY B 91 20.12 26.29 0.48
CA GLY B 91 19.25 26.96 -0.46
C GLY B 91 17.91 26.27 -0.67
N HIS B 92 17.07 26.94 -1.48
CA HIS B 92 15.70 26.51 -1.67
C HIS B 92 15.61 25.17 -2.41
N ALA B 93 16.45 24.98 -3.43
CA ALA B 93 16.32 23.78 -4.27
C ALA B 93 16.65 22.52 -3.48
N LEU B 94 17.79 22.51 -2.80
CA LEU B 94 18.17 21.34 -2.02
C LEU B 94 17.24 21.11 -0.84
N CYS B 95 16.53 22.14 -0.40
CA CYS B 95 15.50 22.00 0.62
C CYS B 95 14.36 21.09 0.15
N LYS B 96 14.17 20.99 -1.16
CA LYS B 96 13.21 20.06 -1.74
C LYS B 96 13.85 18.74 -2.12
N VAL B 97 15.05 18.78 -2.71
CA VAL B 97 15.70 17.56 -3.18
C VAL B 97 16.02 16.64 -2.01
N ILE B 98 16.88 17.11 -1.10
CA ILE B 98 17.39 16.24 -0.04
C ILE B 98 16.24 15.65 0.80
N PRO B 99 15.30 16.43 1.31
CA PRO B 99 14.15 15.82 2.01
C PRO B 99 13.38 14.84 1.15
N TYR B 100 13.26 15.12 -0.15
CA TYR B 100 12.59 14.21 -1.06
C TYR B 100 13.37 12.90 -1.21
N LEU B 101 14.69 13.00 -1.40
CA LEU B 101 15.51 11.80 -1.57
C LEU B 101 15.49 10.94 -0.31
N GLN B 102 15.41 11.56 0.86
CA GLN B 102 15.32 10.78 2.10
C GLN B 102 14.02 9.99 2.14
N ALA B 103 12.90 10.62 1.78
CA ALA B 103 11.63 9.90 1.73
C ALA B 103 11.66 8.80 0.66
N VAL B 104 12.28 9.07 -0.48
CA VAL B 104 12.38 8.05 -1.52
C VAL B 104 13.20 6.87 -1.01
N SER B 105 14.26 7.14 -0.24
CA SER B 105 15.09 6.06 0.27
C SER B 105 14.33 5.17 1.24
N VAL B 106 13.49 5.77 2.08
CA VAL B 106 12.72 4.98 3.04
C VAL B 106 11.69 4.11 2.33
N SER B 107 10.99 4.69 1.34
CA SER B 107 10.02 3.90 0.59
C SER B 107 10.67 2.72 -0.10
N VAL B 108 11.77 2.97 -0.82
CA VAL B 108 12.48 1.89 -1.49
C VAL B 108 12.90 0.80 -0.49
N ALA B 109 13.42 1.22 0.67
CA ALA B 109 13.91 0.25 1.65
C ALA B 109 12.78 -0.63 2.17
N VAL B 110 11.69 -0.02 2.66
CA VAL B 110 10.60 -0.79 3.23
C VAL B 110 9.90 -1.62 2.17
N LEU B 111 9.75 -1.09 0.96
CA LEU B 111 9.17 -1.89 -0.12
C LEU B 111 10.08 -3.04 -0.51
N THR B 112 11.39 -2.86 -0.38
CA THR B 112 12.31 -3.94 -0.70
C THR B 112 12.20 -5.07 0.33
N LEU B 113 12.16 -4.71 1.61
CA LEU B 113 11.97 -5.72 2.65
C LEU B 113 10.61 -6.41 2.50
N SER B 114 9.60 -5.66 2.07
CA SER B 114 8.28 -6.25 1.86
C SER B 114 8.32 -7.32 0.78
N PHE B 115 8.93 -7.01 -0.37
CA PHE B 115 8.97 -7.95 -1.46
C PHE B 115 9.81 -9.18 -1.13
N ILE B 116 10.80 -9.03 -0.24
CA ILE B 116 11.57 -10.19 0.20
C ILE B 116 10.70 -11.11 1.04
N ALA B 117 10.00 -10.55 2.03
CA ALA B 117 9.11 -11.37 2.85
C ALA B 117 8.01 -12.00 1.99
N LEU B 118 7.49 -11.26 1.01
CA LEU B 118 6.48 -11.83 0.12
C LEU B 118 7.05 -12.98 -0.68
N ASP B 119 8.29 -12.83 -1.17
CA ASP B 119 8.93 -13.90 -1.92
C ASP B 119 9.18 -15.11 -1.04
N ARG B 120 9.67 -14.91 0.18
CA ARG B 120 9.88 -16.03 1.09
C ARG B 120 8.57 -16.69 1.49
N TRP B 121 7.52 -15.89 1.69
CA TRP B 121 6.25 -16.42 2.15
C TRP B 121 5.63 -17.36 1.12
N TYR B 122 5.65 -16.96 -0.15
CA TYR B 122 5.15 -17.84 -1.20
C TYR B 122 6.10 -18.98 -1.52
N ALA B 123 7.39 -18.81 -1.25
CA ALA B 123 8.35 -19.87 -1.52
C ALA B 123 8.28 -20.99 -0.49
N ILE B 124 7.95 -20.67 0.76
CA ILE B 124 7.98 -21.61 1.86
C ILE B 124 6.57 -22.06 2.26
N CYS B 125 5.66 -21.09 2.41
CA CYS B 125 4.32 -21.40 2.92
C CYS B 125 3.37 -21.86 1.81
N HIS B 126 3.40 -21.22 0.63
CA HIS B 126 2.47 -21.51 -0.46
C HIS B 126 3.31 -21.70 -1.72
N PRO B 127 3.98 -22.85 -1.84
CA PRO B 127 5.08 -23.03 -2.82
C PRO B 127 4.76 -22.88 -4.32
N LEU B 128 3.58 -23.25 -4.82
CA LEU B 128 3.40 -23.35 -6.27
C LEU B 128 2.29 -22.46 -6.83
N LEU B 129 2.14 -21.25 -6.33
CA LEU B 129 1.21 -20.29 -6.92
C LEU B 129 1.90 -19.28 -7.82
N PHE B 130 3.02 -18.71 -7.39
CA PHE B 130 3.73 -17.69 -8.16
C PHE B 130 5.20 -18.07 -8.25
N LYS B 131 5.75 -18.06 -9.46
CA LYS B 131 7.17 -18.32 -9.67
C LYS B 131 7.97 -17.05 -9.50
N SER B 132 9.08 -17.13 -8.77
CA SER B 132 9.96 -16.01 -8.54
C SER B 132 11.31 -16.31 -9.19
N THR B 133 11.67 -15.51 -10.20
CA THR B 133 12.95 -15.63 -10.88
C THR B 133 13.73 -14.33 -10.73
N ALA B 134 15.06 -14.44 -10.83
CA ALA B 134 15.89 -13.24 -10.77
C ALA B 134 15.53 -12.26 -11.87
N ARG B 135 15.12 -12.77 -13.03
CA ARG B 135 14.69 -11.90 -14.12
C ARG B 135 13.47 -11.08 -13.71
N ARG B 136 12.53 -11.70 -12.99
CA ARG B 136 11.34 -11.00 -12.52
C ARG B 136 11.61 -10.20 -11.25
N ALA B 137 12.70 -10.51 -10.53
CA ALA B 137 13.08 -9.69 -9.39
C ALA B 137 13.63 -8.34 -9.84
N LEU B 138 14.34 -8.31 -10.97
CA LEU B 138 14.83 -7.04 -11.49
C LEU B 138 13.69 -6.15 -11.95
N GLY B 139 12.58 -6.74 -12.40
CA GLY B 139 11.42 -5.94 -12.77
C GLY B 139 10.67 -5.44 -11.57
N SER B 140 10.68 -6.20 -10.47
CA SER B 140 10.11 -5.71 -9.24
C SER B 140 10.93 -4.56 -8.67
N ILE B 141 12.25 -4.69 -8.73
CA ILE B 141 13.13 -3.63 -8.22
C ILE B 141 12.88 -2.33 -8.96
N LEU B 142 12.70 -2.39 -10.28
CA LEU B 142 12.42 -1.16 -11.03
C LEU B 142 11.05 -0.59 -10.66
N GLY B 143 10.08 -1.46 -10.38
CA GLY B 143 8.78 -0.96 -9.94
C GLY B 143 8.84 -0.34 -8.57
N ILE B 144 9.67 -0.89 -7.68
CA ILE B 144 9.83 -0.30 -6.35
C ILE B 144 10.31 1.14 -6.47
N TRP B 145 11.27 1.38 -7.37
CA TRP B 145 11.78 2.74 -7.56
C TRP B 145 10.75 3.65 -8.20
N ALA B 146 10.03 3.17 -9.21
CA ALA B 146 9.04 4.00 -9.86
C ALA B 146 7.95 4.43 -8.89
N VAL B 147 7.51 3.51 -8.04
CA VAL B 147 6.48 3.85 -7.04
C VAL B 147 7.05 4.81 -6.01
N SER B 148 8.21 4.49 -5.44
CA SER B 148 8.81 5.35 -4.43
C SER B 148 9.07 6.75 -4.97
N LEU B 149 9.59 6.86 -6.20
CA LEU B 149 9.87 8.16 -6.78
C LEU B 149 8.60 8.98 -6.94
N ALA B 150 7.47 8.33 -7.23
CA ALA B 150 6.23 9.04 -7.45
C ALA B 150 5.55 9.46 -6.15
N ILE B 151 5.37 8.52 -5.22
CA ILE B 151 4.56 8.78 -4.04
C ILE B 151 5.20 9.80 -3.10
N MET B 152 6.50 10.05 -3.23
CA MET B 152 7.17 11.02 -2.36
C MET B 152 7.19 12.43 -2.94
N VAL B 153 6.56 12.64 -4.11
CA VAL B 153 6.49 13.99 -4.68
C VAL B 153 5.80 14.96 -3.74
N PRO B 154 4.67 14.62 -3.11
CA PRO B 154 4.04 15.58 -2.19
C PRO B 154 4.95 16.01 -1.07
N GLN B 155 5.83 15.13 -0.60
CA GLN B 155 6.80 15.52 0.42
C GLN B 155 7.68 16.65 -0.08
N ALA B 156 8.22 16.52 -1.30
CA ALA B 156 9.01 17.59 -1.88
C ALA B 156 8.20 18.86 -2.06
N ALA B 157 6.93 18.73 -2.45
CA ALA B 157 6.11 19.91 -2.75
C ALA B 157 5.95 20.80 -1.52
N VAL B 158 5.81 20.20 -0.33
CA VAL B 158 5.56 21.01 0.85
C VAL B 158 6.83 21.63 1.45
N MET B 159 8.01 21.16 1.07
CA MET B 159 9.24 21.72 1.64
C MET B 159 9.39 23.18 1.23
N GLU B 160 9.71 24.04 2.20
CA GLU B 160 9.96 25.46 1.94
C GLU B 160 11.08 25.96 2.84
N CYS B 161 11.90 26.88 2.31
CA CYS B 161 13.03 27.48 3.03
C CYS B 161 12.69 28.91 3.46
N SER B 162 12.55 29.13 4.77
CA SER B 162 12.20 30.44 5.32
C SER B 162 13.12 30.87 6.46
N SER B 163 13.50 32.14 6.46
CA SER B 163 14.28 32.77 7.52
C SER B 163 13.39 33.19 8.69
N VAL B 164 13.98 33.27 9.89
CA VAL B 164 13.24 33.67 11.08
C VAL B 164 12.49 34.98 10.82
N LEU B 165 13.18 35.98 10.30
CA LEU B 165 12.56 37.22 9.84
C LEU B 165 12.76 37.23 8.34
N PRO B 166 11.73 36.97 7.54
CA PRO B 166 11.96 36.53 6.15
C PRO B 166 12.78 37.52 5.35
N GLU B 167 12.68 38.82 5.64
CA GLU B 167 13.50 39.79 4.94
C GLU B 167 14.98 39.53 5.17
N LEU B 168 15.33 38.85 6.26
CA LEU B 168 16.72 38.59 6.62
C LEU B 168 17.43 37.64 5.66
N ALA B 169 16.67 36.85 4.89
CA ALA B 169 17.29 35.82 4.06
C ALA B 169 18.17 36.42 2.97
N ALA B 170 17.98 37.70 2.64
CA ALA B 170 18.78 38.37 1.63
C ALA B 170 20.18 38.70 2.12
N ARG B 171 20.47 38.47 3.40
CA ARG B 171 21.80 38.68 3.96
C ARG B 171 22.51 37.39 4.35
N THR B 172 21.81 36.40 4.89
CA THR B 172 22.43 35.13 5.27
C THR B 172 21.41 34.02 5.18
N ARG B 173 21.92 32.79 5.13
CA ARG B 173 21.14 31.59 5.42
C ARG B 173 21.36 31.10 6.85
N ALA B 174 22.08 31.86 7.67
CA ALA B 174 22.43 31.43 9.01
C ALA B 174 21.19 31.22 9.90
N PHE B 175 20.10 31.92 9.61
CA PHE B 175 18.89 31.83 10.41
C PHE B 175 17.72 31.31 9.59
N SER B 176 18.01 30.47 8.59
CA SER B 176 17.00 29.85 7.75
C SER B 176 16.78 28.42 8.21
N VAL B 177 15.58 27.90 7.95
CA VAL B 177 15.24 26.52 8.25
C VAL B 177 14.45 25.94 7.08
N CYS B 178 14.68 24.67 6.80
CA CYS B 178 13.93 23.93 5.80
C CYS B 178 12.85 23.12 6.51
N ASP B 179 11.59 23.43 6.23
CA ASP B 179 10.47 22.74 6.87
C ASP B 179 9.27 22.74 5.93
N GLU B 180 8.25 21.98 6.33
CA GLU B 180 7.03 21.82 5.54
C GLU B 180 6.10 23.03 5.70
N ARG B 181 5.52 23.45 4.58
CA ARG B 181 4.55 24.55 4.54
C ARG B 181 3.16 23.95 4.32
N TRP B 182 2.30 24.07 5.32
CA TRP B 182 0.94 23.53 5.27
C TRP B 182 -0.07 24.66 5.36
N ALA B 183 -0.99 24.70 4.40
CA ALA B 183 -2.02 25.74 4.37
C ALA B 183 -3.02 25.61 5.51
N ASP B 184 -3.17 24.42 6.10
CA ASP B 184 -4.13 24.23 7.17
C ASP B 184 -3.63 23.15 8.12
N ASP B 185 -4.24 23.11 9.30
CA ASP B 185 -3.85 22.17 10.34
C ASP B 185 -4.21 20.73 10.03
N LEU B 186 -5.24 20.50 9.21
CA LEU B 186 -5.71 19.13 9.00
C LEU B 186 -4.82 18.37 8.03
N ALA B 187 -4.39 19.00 6.93
CA ALA B 187 -3.58 18.31 5.92
C ALA B 187 -2.35 17.65 6.51
N PRO B 188 -1.50 18.33 7.28
CA PRO B 188 -0.35 17.64 7.87
C PRO B 188 -0.74 16.46 8.75
N LYS B 189 -1.88 16.56 9.44
CA LYS B 189 -2.33 15.45 10.27
C LYS B 189 -2.72 14.24 9.42
N ILE B 190 -3.45 14.48 8.34
CA ILE B 190 -3.83 13.38 7.45
C ILE B 190 -2.61 12.82 6.72
N TYR B 191 -1.72 13.70 6.23
CA TYR B 191 -0.57 13.22 5.48
C TYR B 191 0.37 12.39 6.34
N HIS B 192 0.78 12.94 7.50
CA HIS B 192 1.75 12.25 8.32
C HIS B 192 1.17 11.00 8.98
N SER B 193 -0.15 10.90 9.10
CA SER B 193 -0.75 9.64 9.52
C SER B 193 -0.60 8.58 8.43
N CYS B 194 -0.88 8.95 7.18
CA CYS B 194 -0.69 8.02 6.08
C CYS B 194 0.78 7.66 5.90
N PHE B 195 1.66 8.65 6.05
CA PHE B 195 3.10 8.37 5.92
C PHE B 195 3.54 7.32 6.93
N PHE B 196 3.12 7.46 8.19
CA PHE B 196 3.52 6.52 9.23
C PHE B 196 3.02 5.12 8.94
N ILE B 197 1.75 5.00 8.53
CA ILE B 197 1.16 3.69 8.28
C ILE B 197 1.70 3.06 7.00
N VAL B 198 1.84 3.87 5.95
CA VAL B 198 2.23 3.32 4.65
C VAL B 198 3.70 2.90 4.65
N THR B 199 4.58 3.74 5.21
CA THR B 199 6.00 3.46 5.21
C THR B 199 6.48 2.67 6.43
N TYR B 200 5.67 2.56 7.48
CA TYR B 200 6.15 1.85 8.67
C TYR B 200 5.19 0.78 9.17
N LEU B 201 4.08 1.20 9.79
CA LEU B 201 3.29 0.28 10.59
C LEU B 201 2.78 -0.89 9.75
N ALA B 202 2.08 -0.59 8.65
CA ALA B 202 1.47 -1.66 7.88
C ALA B 202 2.47 -2.66 7.31
N PRO B 203 3.50 -2.25 6.57
CA PRO B 203 4.44 -3.24 6.02
C PRO B 203 5.18 -4.05 7.07
N LEU B 204 5.63 -3.42 8.15
CA LEU B 204 6.35 -4.18 9.18
C LEU B 204 5.43 -5.12 9.94
N GLY B 205 4.17 -4.71 10.16
CA GLY B 205 3.24 -5.61 10.80
C GLY B 205 2.92 -6.81 9.93
N LEU B 206 2.78 -6.59 8.61
CA LEU B 206 2.59 -7.71 7.71
C LEU B 206 3.85 -8.57 7.62
N MET B 207 5.02 -7.94 7.63
CA MET B 207 6.26 -8.70 7.58
C MET B 207 6.43 -9.57 8.81
N ALA B 208 6.13 -9.03 9.99
CA ALA B 208 6.22 -9.82 11.21
C ALA B 208 5.33 -11.05 11.15
N MET B 209 4.09 -10.87 10.67
CA MET B 209 3.18 -12.01 10.55
C MET B 209 3.65 -12.99 9.48
N ALA B 210 4.30 -12.50 8.43
CA ALA B 210 4.81 -13.40 7.40
C ALA B 210 5.95 -14.25 7.94
N TYR B 211 6.94 -13.61 8.57
CA TYR B 211 8.07 -14.37 9.11
C TYR B 211 7.67 -15.28 10.25
N PHE B 212 6.64 -14.91 11.02
CA PHE B 212 6.15 -15.81 12.05
C PHE B 212 5.58 -17.08 11.44
N GLN B 213 4.84 -16.95 10.33
CA GLN B 213 4.37 -18.15 9.63
C GLN B 213 5.53 -18.90 8.99
N ILE B 214 6.53 -18.17 8.48
CA ILE B 214 7.69 -18.84 7.92
C ILE B 214 8.46 -19.58 9.00
N PHE B 215 8.54 -18.98 10.19
CA PHE B 215 9.21 -19.65 11.31
C PHE B 215 8.50 -20.94 11.70
N ARG B 216 7.16 -20.92 11.68
CA ARG B 216 6.42 -22.13 12.04
C ARG B 216 6.70 -23.27 11.07
N LYS B 217 6.85 -22.95 9.79
CA LYS B 217 7.07 -23.99 8.78
C LYS B 217 8.47 -24.58 8.88
N LEU B 218 9.49 -23.72 9.00
CA LEU B 218 10.87 -24.20 8.95
C LEU B 218 11.29 -24.90 10.24
N TRP B 219 10.82 -24.43 11.39
CA TRP B 219 11.21 -24.97 12.68
C TRP B 219 10.05 -25.71 13.32
N GLY B 220 10.33 -26.89 13.85
CA GLY B 220 9.30 -27.72 14.46
C GLY B 220 8.50 -28.58 13.51
N ARG B 221 7.96 -27.98 12.44
CA ARG B 221 7.17 -28.74 11.48
C ARG B 221 8.07 -29.69 10.71
N GLN B 222 7.78 -30.99 10.80
CA GLN B 222 8.62 -32.06 10.25
C GLN B 222 7.69 -33.10 9.65
N ILE B 223 7.35 -32.90 8.39
CA ILE B 223 6.41 -33.80 7.71
C ILE B 223 7.06 -35.16 7.54
N PRO B 224 6.31 -36.26 7.68
CA PRO B 224 6.94 -37.59 7.66
C PRO B 224 7.64 -37.90 6.36
N GLY B 225 8.75 -38.63 6.46
CA GLY B 225 9.42 -39.22 5.31
C GLY B 225 10.09 -38.25 4.35
N THR B 226 10.70 -37.19 4.87
CA THR B 226 11.29 -36.18 4.00
C THR B 226 12.51 -36.71 3.25
N THR B 227 12.64 -36.22 2.02
CA THR B 227 13.81 -36.47 1.19
C THR B 227 15.03 -35.71 1.69
N SER B 228 16.21 -36.33 1.54
CA SER B 228 17.45 -35.71 1.99
C SER B 228 17.70 -34.39 1.26
N ALA B 261 17.14 -34.22 0.06
CA ALA B 261 17.26 -32.93 -0.61
C ALA B 261 16.37 -31.90 0.07
N GLU B 262 15.18 -32.31 0.51
CA GLU B 262 14.30 -31.38 1.22
C GLU B 262 14.89 -30.94 2.55
N VAL B 263 15.64 -31.83 3.21
CA VAL B 263 16.31 -31.45 4.46
C VAL B 263 17.44 -30.48 4.16
N LYS B 264 18.17 -30.71 3.06
CA LYS B 264 19.19 -29.76 2.64
C LYS B 264 18.57 -28.41 2.28
N GLN B 265 17.37 -28.45 1.69
CA GLN B 265 16.68 -27.20 1.36
C GLN B 265 16.24 -26.47 2.61
N MET B 266 15.70 -27.20 3.59
CA MET B 266 15.22 -26.57 4.82
C MET B 266 16.35 -25.90 5.58
N ARG B 267 17.47 -26.61 5.77
CA ARG B 267 18.57 -26.06 6.56
C ARG B 267 19.17 -24.82 5.90
N ALA B 268 19.14 -24.75 4.57
CA ALA B 268 19.62 -23.53 3.91
C ALA B 268 18.61 -22.40 4.05
N ARG B 269 17.32 -22.70 3.89
CA ARG B 269 16.29 -21.69 4.07
C ARG B 269 16.28 -21.18 5.52
N ARG B 270 16.62 -22.04 6.47
CA ARG B 270 16.68 -21.60 7.86
C ARG B 270 17.77 -20.55 8.06
N LYS B 271 18.91 -20.72 7.40
CA LYS B 271 19.99 -19.76 7.54
C LYS B 271 19.60 -18.40 7.01
N THR B 272 18.80 -18.36 5.95
CA THR B 272 18.36 -17.08 5.38
C THR B 272 17.26 -16.45 6.22
N ALA B 273 16.29 -17.24 6.67
CA ALA B 273 15.22 -16.71 7.51
C ALA B 273 15.78 -16.08 8.77
N LYS B 274 16.74 -16.75 9.41
CA LYS B 274 17.35 -16.19 10.61
C LYS B 274 17.99 -14.84 10.32
N MET B 275 18.61 -14.68 9.15
CA MET B 275 19.22 -13.41 8.78
C MET B 275 18.16 -12.37 8.47
N LEU B 276 17.19 -12.70 7.61
CA LEU B 276 16.19 -11.71 7.20
C LEU B 276 15.38 -11.23 8.41
N MET B 277 15.11 -12.12 9.37
CA MET B 277 14.36 -11.70 10.54
C MET B 277 15.11 -10.69 11.37
N VAL B 278 16.44 -10.80 11.42
CA VAL B 278 17.25 -9.81 12.14
C VAL B 278 17.24 -8.48 11.40
N VAL B 279 17.36 -8.52 10.07
CA VAL B 279 17.33 -7.28 9.29
C VAL B 279 16.02 -6.54 9.52
N VAL B 280 14.90 -7.27 9.45
CA VAL B 280 13.60 -6.64 9.65
C VAL B 280 13.46 -6.13 11.08
N LEU B 281 14.03 -6.84 12.06
CA LEU B 281 13.93 -6.39 13.44
C LEU B 281 14.78 -5.15 13.67
N VAL B 282 16.00 -5.14 13.16
CA VAL B 282 16.85 -3.96 13.31
C VAL B 282 16.27 -2.77 12.55
N PHE B 283 15.65 -3.03 11.40
CA PHE B 283 15.01 -1.96 10.65
C PHE B 283 13.87 -1.35 11.44
N ALA B 284 12.99 -2.18 12.01
CA ALA B 284 11.87 -1.68 12.79
C ALA B 284 12.35 -0.89 14.00
N LEU B 285 13.46 -1.31 14.61
CA LEU B 285 13.98 -0.58 15.76
C LEU B 285 14.62 0.73 15.36
N CYS B 286 15.43 0.72 14.31
CA CYS B 286 16.11 1.95 13.89
C CYS B 286 15.11 3.03 13.47
N TYR B 287 13.98 2.63 12.87
CA TYR B 287 13.04 3.59 12.34
C TYR B 287 11.89 3.91 13.28
N LEU B 288 11.74 3.16 14.37
CA LEU B 288 10.67 3.47 15.32
C LEU B 288 10.79 4.85 15.92
N PRO B 289 11.96 5.26 16.46
CA PRO B 289 12.00 6.57 17.15
C PRO B 289 11.59 7.75 16.29
N ILE B 290 12.12 7.86 15.08
CA ILE B 290 11.75 9.00 14.24
C ILE B 290 10.29 8.94 13.83
N SER B 291 9.80 7.73 13.49
CA SER B 291 8.40 7.59 13.09
C SER B 291 7.46 8.01 14.21
N VAL B 292 7.74 7.57 15.44
CA VAL B 292 6.91 7.98 16.58
C VAL B 292 7.03 9.48 16.82
N LEU B 293 8.25 10.01 16.77
CA LEU B 293 8.44 11.43 17.02
C LEU B 293 7.72 12.29 15.98
N ASN B 294 7.70 11.84 14.72
CA ASN B 294 7.01 12.60 13.69
C ASN B 294 5.49 12.57 13.89
N VAL B 295 4.96 11.43 14.36
CA VAL B 295 3.52 11.35 14.58
C VAL B 295 3.11 12.21 15.77
N LEU B 296 3.88 12.17 16.86
CA LEU B 296 3.56 12.99 18.02
C LEU B 296 3.64 14.48 17.68
N LYS B 297 4.62 14.86 16.86
CA LYS B 297 4.78 16.25 16.48
C LYS B 297 3.75 16.69 15.45
N ARG B 298 3.62 15.92 14.36
CA ARG B 298 2.81 16.36 13.23
C ARG B 298 1.32 16.09 13.44
N VAL B 299 0.97 14.98 14.07
CA VAL B 299 -0.43 14.58 14.20
C VAL B 299 -1.02 14.98 15.54
N PHE B 300 -0.22 14.92 16.61
CA PHE B 300 -0.71 15.22 17.94
C PHE B 300 -0.25 16.57 18.46
N GLY B 301 0.44 17.37 17.65
CA GLY B 301 0.78 18.73 18.03
C GLY B 301 1.67 18.85 19.25
N MET B 302 2.52 17.86 19.50
CA MET B 302 3.41 17.87 20.65
C MET B 302 4.70 18.65 20.35
N PHE B 303 5.48 18.88 21.41
CA PHE B 303 6.80 19.52 21.33
C PHE B 303 6.72 20.96 20.82
N ARG B 304 5.63 21.68 21.09
CA ARG B 304 5.57 23.09 20.70
C ARG B 304 6.16 24.01 21.76
N GLN B 305 6.15 23.61 23.02
CA GLN B 305 6.68 24.45 24.08
C GLN B 305 8.19 24.59 23.96
N ALA B 306 8.69 25.80 24.22
CA ALA B 306 10.12 26.06 24.11
C ALA B 306 10.89 25.69 25.37
N SER B 307 10.21 25.20 26.42
CA SER B 307 10.89 24.78 27.64
C SER B 307 11.60 23.45 27.44
N ASP B 308 10.92 22.46 26.86
CA ASP B 308 11.51 21.16 26.56
C ASP B 308 12.29 21.17 25.27
N ARG B 309 12.62 22.37 24.78
CA ARG B 309 13.31 22.54 23.52
C ARG B 309 14.53 21.65 23.40
N GLU B 310 15.41 21.67 24.41
CA GLU B 310 16.67 20.96 24.30
C GLU B 310 16.48 19.44 24.25
N ALA B 311 15.56 18.91 25.08
CA ALA B 311 15.29 17.48 25.05
C ALA B 311 14.64 17.06 23.74
N VAL B 312 13.78 17.92 23.18
CA VAL B 312 13.08 17.58 21.94
C VAL B 312 14.05 17.49 20.77
N TYR B 313 14.93 18.50 20.62
CA TYR B 313 15.91 18.44 19.54
C TYR B 313 16.91 17.31 19.74
N ALA B 314 17.30 17.04 20.99
CA ALA B 314 18.20 15.92 21.23
C ALA B 314 17.56 14.61 20.80
N ALA B 315 16.25 14.47 21.01
CA ALA B 315 15.56 13.24 20.60
C ALA B 315 15.53 13.12 19.08
N PHE B 316 15.19 14.20 18.37
CA PHE B 316 15.15 14.14 16.93
C PHE B 316 16.54 13.92 16.35
N THR B 317 17.56 14.49 16.98
CA THR B 317 18.93 14.30 16.48
C THR B 317 19.35 12.83 16.57
N PHE B 318 19.14 12.21 17.74
CA PHE B 318 19.52 10.82 17.91
C PHE B 318 18.72 9.90 16.99
N SER B 319 17.43 10.20 16.79
CA SER B 319 16.62 9.40 15.89
C SER B 319 17.02 9.59 14.44
N HIS B 320 17.44 10.82 14.07
CA HIS B 320 17.97 11.01 12.72
C HIS B 320 19.21 10.16 12.49
N TRP B 321 20.10 10.10 13.48
CA TRP B 321 21.30 9.27 13.36
C TRP B 321 20.95 7.79 13.29
N LEU B 322 19.94 7.36 14.06
CA LEU B 322 19.58 5.95 14.08
C LEU B 322 19.13 5.47 12.71
N VAL B 323 18.46 6.33 11.94
CA VAL B 323 18.05 5.95 10.59
C VAL B 323 19.27 5.64 9.75
N TYR B 324 20.27 6.54 9.77
CA TYR B 324 21.48 6.33 9.00
C TYR B 324 22.31 5.17 9.55
N ALA B 325 22.25 4.92 10.85
CA ALA B 325 22.95 3.77 11.42
C ALA B 325 22.44 2.46 10.85
N ASN B 326 21.17 2.42 10.45
CA ASN B 326 20.62 1.22 9.85
C ASN B 326 21.36 0.83 8.58
N SER B 327 21.76 1.81 7.78
CA SER B 327 22.50 1.50 6.56
C SER B 327 23.84 0.85 6.87
N ALA B 328 24.46 1.22 7.99
CA ALA B 328 25.70 0.59 8.41
C ALA B 328 25.46 -0.78 9.03
N ALA B 329 24.30 -0.98 9.65
CA ALA B 329 24.01 -2.26 10.30
C ALA B 329 23.85 -3.38 9.30
N ASN B 330 23.14 -3.13 8.19
CA ASN B 330 22.78 -4.21 7.28
C ASN B 330 23.97 -5.01 6.76
N PRO B 331 25.02 -4.40 6.20
CA PRO B 331 26.18 -5.21 5.80
C PRO B 331 26.82 -5.98 6.95
N ILE B 332 26.84 -5.38 8.15
CA ILE B 332 27.38 -6.07 9.31
C ILE B 332 26.53 -7.29 9.65
N ILE B 333 25.22 -7.18 9.50
CA ILE B 333 24.34 -8.32 9.75
C ILE B 333 24.62 -9.44 8.76
N TYR B 334 24.81 -9.08 7.48
CA TYR B 334 25.10 -10.11 6.48
C TYR B 334 26.42 -10.81 6.76
N ASN B 335 27.35 -10.13 7.43
CA ASN B 335 28.65 -10.75 7.70
C ASN B 335 28.55 -11.86 8.75
N PHE B 336 27.81 -11.61 9.83
CA PHE B 336 27.72 -12.59 10.90
C PHE B 336 26.68 -13.68 10.63
N LEU B 337 25.60 -13.37 9.90
CA LEU B 337 24.53 -14.33 9.68
C LEU B 337 24.53 -14.95 8.29
N SER B 338 25.50 -14.61 7.44
CA SER B 338 25.59 -15.21 6.11
C SER B 338 27.04 -15.55 5.84
N GLY B 339 27.35 -16.85 5.73
CA GLY B 339 28.71 -17.25 5.45
C GLY B 339 29.16 -16.94 4.04
N LYS B 340 28.21 -16.92 3.10
CA LYS B 340 28.56 -16.59 1.72
C LYS B 340 28.94 -15.12 1.57
N PHE B 341 28.23 -14.23 2.27
CA PHE B 341 28.66 -12.83 2.33
C PHE B 341 29.95 -12.70 3.11
N ARG B 342 30.06 -13.42 4.24
CA ARG B 342 31.27 -13.38 5.05
C ARG B 342 32.51 -13.74 4.22
N GLU B 343 32.38 -14.76 3.38
CA GLU B 343 33.51 -15.16 2.55
C GLU B 343 33.98 -14.01 1.65
N GLN B 344 33.03 -13.39 0.94
CA GLN B 344 33.40 -12.29 0.05
C GLN B 344 33.89 -11.07 0.82
N PHE B 345 33.36 -10.83 2.02
CA PHE B 345 33.85 -9.70 2.82
C PHE B 345 35.27 -9.94 3.29
N LYS B 346 35.61 -11.20 3.61
CA LYS B 346 36.99 -11.53 3.97
C LYS B 346 37.91 -11.37 2.76
N ALA B 347 37.40 -11.71 1.57
CA ALA B 347 38.20 -11.55 0.37
C ALA B 347 38.45 -10.09 0.04
N ALA B 348 37.54 -9.20 0.42
CA ALA B 348 37.74 -7.78 0.14
C ALA B 348 38.82 -7.17 1.03
N PHE B 349 38.79 -7.48 2.32
CA PHE B 349 39.83 -6.98 3.22
C PHE B 349 41.19 -7.59 2.89
N SER B 350 41.22 -8.83 2.41
CA SER B 350 42.48 -9.45 2.03
C SER B 350 43.12 -8.76 0.83
N TRP B 351 42.30 -8.27 -0.09
CA TRP B 351 42.82 -7.55 -1.24
C TRP B 351 43.27 -6.16 -0.83
N TRP B 352 42.47 -5.51 0.01
CA TRP B 352 42.82 -4.17 0.50
C TRP B 352 44.03 -4.22 1.42
N LEU B 353 44.28 -5.36 2.06
CA LEU B 353 45.46 -5.53 2.89
C LEU B 353 46.52 -6.32 2.13
C1 NT5 C . -13.61 -4.64 5.95
C10 NT5 C . -20.12 -11.23 3.14
C11 NT5 C . -19.38 -11.11 4.32
C12 NT5 C . -14.94 -6.53 3.84
C13 NT5 C . -16.82 -5.07 4.74
C14 NT5 C . -17.65 -5.19 3.47
C15 NT5 C . -18.77 -6.02 3.53
C16 NT5 C . -19.59 -6.20 2.41
C17 NT5 C . -19.28 -5.53 1.23
C18 NT5 C . -18.17 -4.70 1.18
C19 NT5 C . -17.32 -4.50 2.27
C2 NT5 C . -14.87 -5.51 6.13
C20 NT5 C . -16.12 -3.56 2.09
C21 NT5 C . -14.46 -2.22 3.06
C22 NT5 C . -13.95 -1.89 1.81
C23 NT5 C . -14.61 -2.47 0.72
C24 NT5 C . -20.80 -7.10 2.48
C3 NT5 C . -14.52 -6.88 6.76
C4 NT5 C . -13.88 -7.86 5.77
C5 NT5 C . -14.67 -7.93 4.46
C6 NT5 C . -15.97 -8.75 4.60
C7 NT5 C . -17.84 -9.67 3.32
C8 NT5 C . -18.52 -9.75 2.11
C9 NT5 C . -19.67 -10.53 2.01
F1 NT5 C . -21.22 -12.00 3.09
N1 NT5 C . -18.27 -10.35 4.43
N2 NT5 C . -15.61 -5.70 4.86
N3 NT5 C . -15.53 -3.04 3.21
N4 NT5 C . -15.68 -3.29 0.84
O1 NT5 C . -16.71 -8.88 3.39
O2 NT5 C . -17.30 -4.37 5.64
H12 NT5 C . -13.29 -4.36 6.82
H11 NT5 C . -13.83 -3.85 5.43
H13 NT5 C . -12.92 -5.14 5.50
H111 NT5 C . -19.67 -11.58 5.08
H122 NT5 C . -15.51 -6.63 3.06
H121 NT5 C . -14.09 -6.13 3.58
H151 NT5 C . -18.98 -6.47 4.31
H171 NT5 C . -19.82 -5.64 0.48
H181 NT5 C . -17.98 -4.26 0.37
H21 NT5 C . -15.50 -5.10 6.75
H211 NT5 C . -14.05 -1.86 3.82
H221 NT5 C . -13.22 -1.33 1.70
H231 NT5 C . -14.29 -2.27 -0.13
H241 NT5 C . -21.04 -7.25 3.40
H243 NT5 C . -20.59 -7.95 2.06
H242 NT5 C . -21.55 -6.68 2.02
H32 NT5 C . -13.91 -6.73 7.49
H31 NT5 C . -15.34 -7.27 7.10
H42 NT5 C . -13.85 -8.74 6.17
H41 NT5 C . -12.97 -7.57 5.58
H51 NT5 C . -14.08 -8.38 3.84
H61 NT5 C . -16.54 -8.32 5.26
H62 NT5 C . -15.75 -9.63 4.92
H81 NT5 C . -18.22 -9.28 1.36
H91 NT5 C . -20.14 -10.60 1.21
O1 PG4 D . -25.99 -5.46 7.60
C1 PG4 D . -25.21 -4.84 8.60
C2 PG4 D . -23.94 -5.58 8.86
O2 PG4 D . -23.24 -4.97 9.94
C3 PG4 D . -22.06 -5.66 10.32
C4 PG4 D . -21.04 -5.55 9.23
O3 PG4 D . -20.61 -6.84 8.82
C5 PG4 D . -21.25 -7.28 7.62
C6 PG4 D . -20.64 -8.56 7.15
O4 PG4 D . -19.23 -8.39 7.05
C7 PG4 D . -18.53 -8.93 8.15
C8 PG4 D . -17.53 -7.94 8.67
O5 PG4 D . -16.46 -8.55 9.37
S SO4 E . 0.52 6.71 -24.38
O1 SO4 E . 1.78 7.04 -23.72
O2 SO4 E . 0.18 5.31 -24.12
O3 SO4 E . -0.54 7.56 -23.86
O4 SO4 E . 0.67 6.92 -25.82
S SO4 F . -11.80 6.52 -27.42
O1 SO4 F . -12.63 5.42 -27.91
O2 SO4 F . -10.71 5.97 -26.60
O3 SO4 F . -12.61 7.41 -26.59
O4 SO4 F . -11.24 7.26 -28.54
C1 SOG G . -40.93 -3.11 11.60
C2 SOG G . -41.45 -4.53 11.65
C3 SOG G . -42.30 -4.71 12.91
C4 SOG G . -41.57 -4.24 14.16
C5 SOG G . -40.85 -2.90 13.95
C6 SOG G . -39.89 -2.53 15.06
C1' SOG G . -38.82 -3.97 9.93
C2' SOG G . -37.82 -3.57 8.86
C3' SOG G . -36.91 -4.70 8.42
C4' SOG G . -37.45 -5.49 7.24
C5' SOG G . -36.43 -6.42 6.59
C6' SOG G . -36.97 -7.23 5.44
C7' SOG G . -35.99 -8.14 4.72
C8' SOG G . -34.89 -7.44 3.95
S1 SOG G . -40.06 -2.65 10.08
O2 SOG G . -42.26 -4.80 10.51
O3 SOG G . -42.72 -6.06 13.04
O4 SOG G . -42.47 -4.13 15.24
O5 SOG G . -40.09 -2.90 12.73
O6 SOG G . -40.53 -1.77 16.09
C1 SOG H . -10.13 6.63 19.80
C2 SOG H . -10.94 7.88 19.50
C3 SOG H . -11.99 8.08 20.60
C4 SOG H . -12.81 6.82 20.79
C5 SOG H . -11.89 5.61 21.00
C6 SOG H . -12.65 4.30 21.10
C1' SOG H . -7.95 4.97 19.30
C2' SOG H . -6.50 4.88 18.87
C3' SOG H . -6.21 3.69 17.99
C4' SOG H . -6.68 3.86 16.57
C5' SOG H . -5.65 4.44 15.61
C6' SOG H . -4.63 3.43 15.12
C7' SOG H . -3.67 3.97 14.08
C8' SOG H . -2.79 2.92 13.45
S1 SOG H . -8.87 6.35 18.54
O2 SOG H . -10.09 9.03 19.47
O3 SOG H . -12.82 9.19 20.31
O4 SOG H . -13.67 6.97 21.92
O5 SOG H . -10.99 5.50 19.89
O6 SOG H . -13.43 4.26 22.29
C1 SOG I . -5.58 -13.53 17.46
C2 SOG I . -6.60 -12.44 17.76
C3 SOG I . -5.98 -11.06 17.50
C4 SOG I . -4.66 -10.91 18.23
C5 SOG I . -3.75 -12.07 17.86
C6 SOG I . -2.43 -12.04 18.61
C1' SOG I . -6.16 -15.00 19.74
S1 SOG I . -6.22 -15.14 17.93
O2 SOG I . -7.74 -12.59 16.93
O3 SOG I . -6.89 -10.03 17.88
O4 SOG I . -4.03 -9.69 17.87
O5 SOG I . -4.39 -13.32 18.21
O6 SOG I . -1.33 -11.91 17.71
C1 SOG J . -40.22 3.67 7.92
C2 SOG J . -39.15 4.27 8.84
C3 SOG J . -38.68 3.24 9.86
C4 SOG J . -39.86 2.58 10.57
C5 SOG J . -40.83 2.05 9.54
C6 SOG J . -42.08 1.44 10.15
C1' SOG J . -39.72 4.82 5.43
C2' SOG J . -40.24 5.67 4.29
C3' SOG J . -39.24 5.87 3.18
C4' SOG J . -39.77 6.78 2.09
C5' SOG J . -38.86 6.94 0.89
C6' SOG J . -39.53 7.57 -0.30
C7' SOG J . -38.80 7.47 -1.61
C8' SOG J . -37.56 8.31 -1.74
S1 SOG J . -40.92 4.88 6.79
O2 SOG J . -38.03 4.71 8.07
O3 SOG J . -37.79 3.84 10.80
O4 SOG J . -39.40 1.52 11.40
O5 SOG J . -41.28 3.13 8.70
O6 SOG J . -41.78 0.23 10.85
C5' SOG K . -31.06 1.58 -3.15
C6' SOG K . -31.16 0.16 -2.65
C7' SOG K . -29.94 -0.30 -1.88
C8' SOG K . -30.04 -1.72 -1.39
CL CL L . -23.39 -12.30 10.19
CAD PGW M . 1.97 22.76 -4.69
OAE PGW M . 1.21 23.94 -4.59
OAF PGW M . 3.88 23.39 -6.02
P PGW M . 1.33 20.93 -8.57
C01 PGW M . 0.03 19.09 -4.30
C1 PGW M . 1.67 16.66 -6.23
O01 PGW M . 0.56 17.33 -5.89
C02 PGW M . 0.68 18.75 -5.62
C2 PGW M . 1.39 15.48 -7.13
O02 PGW M . 2.76 16.96 -5.82
C03 PGW M . 0.05 19.50 -6.76
C3 PGW M . 2.03 14.20 -6.68
O03 PGW M . 0.69 18.40 -3.22
C04 PGW M . 2.92 21.23 -6.48
C4 PGW M . 1.72 13.03 -7.62
O04 PGW M . 0.80 20.27 -2.01
C05 PGW M . 2.66 22.66 -6.04
C5 PGW M . 2.53 11.78 -7.32
C06 PGW M . 0.50 5.85 -6.90
C6 PGW M . 2.27 10.61 -8.24
C07 PGW M . -0.10 4.88 -5.92
C7 PGW M . 0.97 9.87 -7.97
C08 PGW M . 0.85 3.84 -5.40
C8 PGW M . 0.90 8.50 -8.58
C09 PGW M . 0.25 2.94 -4.34
C9 PGW M . -0.38 7.79 -8.26
C10 PGW M . -0.55 6.71 -7.55
C11 PGW M . 1.07 2.83 -3.09
O11 PGW M . 0.86 19.51 -7.97
C12 PGW M . 0.33 3.11 -1.81
O12 PGW M . 2.79 21.12 -7.92
C13 PGW M . -0.65 2.05 -1.36
O13 PGW M . 1.53 20.78 -10.06
C14 PGW M . -0.87 2.08 0.13
O14 PGW M . 0.40 21.98 -8.04
C15 PGW M . -3.21 11.82 0.47
C16 PGW M . -2.45 10.52 0.56
C17 PGW M . -1.12 10.62 1.27
C18 PGW M . -0.22 9.43 1.04
C19 PGW M . 0.75 19.07 -2.07
C20 PGW M . 0.70 18.15 -0.88
C21 PGW M . -0.67 17.63 -0.60
C22 PGW M . -0.71 16.70 0.60
C23 PGW M . -2.09 16.17 0.93
C24 PGW M . -2.14 15.33 2.19
C25 PGW M . -3.53 14.90 2.59
C26 PGW M . -4.13 13.84 1.70
C27 PGW M . -3.44 12.49 1.80
C28 PGW M . 1.11 9.50 1.74
C29 PGW M . 3.36 8.31 1.72
C30 PGW M . 2.18 8.82 0.93
C1 NT5 N . 9.11 12.54 6.94
C10 NT5 N . 18.02 16.37 5.92
C11 NT5 N . 16.76 16.94 6.07
C12 NT5 N . 12.06 12.55 5.96
C13 NT5 N . 12.29 12.94 8.47
C14 NT5 N . 13.69 12.37 8.49
C15 NT5 N . 14.75 13.27 8.61
C16 NT5 N . 16.07 12.85 8.65
C17 NT5 N . 16.36 11.49 8.57
C18 NT5 N . 15.31 10.58 8.45
C19 NT5 N . 13.96 10.97 8.41
C2 NT5 N . 10.21 13.55 7.32
C20 NT5 N . 12.90 9.88 8.28
C21 NT5 N . 10.67 9.17 8.50
C22 NT5 N . 11.00 7.90 8.02
C23 NT5 N . 12.34 7.70 7.69
C24 NT5 N . 17.19 13.86 8.78
C3 NT5 N . 10.19 14.80 6.41
C4 NT5 N . 10.77 14.55 5.01
C5 NT5 N . 12.11 13.82 5.09
C6 NT5 N . 13.28 14.74 5.51
C7 NT5 N . 15.70 14.94 5.50
C8 NT5 N . 16.94 14.31 5.33
C9 NT5 N . 18.11 15.04 5.55
F1 NT5 N . 19.13 17.10 6.13
N1 NT5 N . 15.60 16.25 5.87
N2 NT5 N . 11.58 12.99 7.30
N3 NT5 N . 11.60 10.15 8.62
N4 NT5 N . 13.29 8.66 7.82
O1 NT5 N . 14.57 14.20 5.29
O2 NT5 N . 11.83 13.33 9.54
H12 NT5 N . 8.24 12.89 7.20
H11 NT5 N . 9.27 11.69 7.40
H13 NT5 N . 9.13 12.39 5.98
H111 NT5 N . 16.70 17.84 6.32
H122 NT5 N . 12.95 12.15 6.04
H121 NT5 N . 11.43 11.91 5.58
H151 NT5 N . 14.56 14.19 8.67
H171 NT5 N . 17.24 11.20 8.59
H181 NT5 N . 15.51 9.68 8.40
H21 NT5 N . 10.05 13.85 8.23
H211 NT5 N . 9.79 9.35 8.72
H221 NT5 N . 10.36 7.23 7.93
H231 NT5 N . 12.59 6.86 7.38
H241 NT5 N . 16.82 14.75 8.80
H243 NT5 N . 17.79 13.77 8.01
H242 NT5 N . 17.68 13.70 9.60
H32 NT5 N . 9.26 15.09 6.31
H31 NT5 N . 10.69 15.51 6.84
H42 NT5 N . 10.89 15.40 4.57
H41 NT5 N . 10.14 14.01 4.51
H51 NT5 N . 12.28 13.52 4.18
H61 NT5 N . 13.18 14.94 6.46
H62 NT5 N . 13.20 15.57 5.02
H81 NT5 N . 16.98 13.41 5.09
H91 NT5 N . 18.94 14.63 5.44
C3 PG4 O . 18.24 17.00 10.45
C4 PG4 O . 16.84 17.51 10.44
O3 PG4 O . 16.38 17.61 9.11
C5 PG4 O . 15.05 18.11 8.99
C6 PG4 O . 14.06 17.08 9.45
O4 PG4 O . 12.85 17.26 8.72
C7 PG4 O . 12.20 18.50 8.98
C8 PG4 O . 11.25 18.81 7.87
O5 PG4 O . 10.34 17.76 7.63
S SO4 P . 14.18 -21.28 -2.32
O1 SO4 P . 14.26 -20.96 -0.90
O2 SO4 P . 14.95 -22.48 -2.63
O3 SO4 P . 14.70 -20.15 -3.09
O4 SO4 P . 12.78 -21.50 -2.67
S SO4 Q . 24.91 -19.00 4.26
O1 SO4 Q . 25.80 -20.08 3.82
O2 SO4 Q . 25.25 -18.61 5.63
O3 SO4 Q . 25.06 -17.84 3.39
O4 SO4 Q . 23.53 -19.49 4.22
C1 SOG R . 24.45 24.75 -3.17
C2 SOG R . 24.22 26.25 -3.25
C3 SOG R . 22.93 26.52 -4.02
C4 SOG R . 22.94 25.82 -5.36
C5 SOG R . 23.29 24.35 -5.20
C6 SOG R . 23.46 23.63 -6.53
C1' SOG R . 26.17 22.59 -2.69
C2' SOG R . 27.28 21.92 -1.92
C3' SOG R . 26.78 21.15 -0.73
C4' SOG R . 25.98 19.93 -1.13
C5' SOG R . 24.75 19.68 -0.28
C6' SOG R . 24.85 18.48 0.63
C7' SOG R . 24.84 17.16 -0.10
C8' SOG R . 25.84 16.17 0.42
S1 SOG R . 25.97 24.36 -2.27
O2 SOG R . 24.10 26.80 -1.94
O3 SOG R . 22.73 27.93 -4.18
O4 SOG R . 21.67 25.93 -5.99
O5 SOG R . 24.53 24.21 -4.49
O6 SOG R . 22.26 23.67 -7.30
C1 SOG S . -7.14 15.88 16.84
C2 SOG S . -7.60 16.92 17.84
C3 SOG S . -8.87 17.60 17.35
C4 SOG S . -8.72 18.10 15.94
C5 SOG S . -8.26 16.95 15.05
C6 SOG S . -8.04 17.36 13.61
C1' SOG S . -5.06 14.32 15.82
C2' SOG S . -6.09 13.28 15.46
C3' SOG S . -6.37 13.22 13.98
C4' SOG S . -5.72 12.05 13.27
C5' SOG S . -6.06 11.97 11.80
C6' SOG S . -5.67 10.69 11.12
C7' SOG S . -6.07 10.60 9.67
C8' SOG S . -5.78 9.25 9.03
S1 SOG S . -5.54 15.20 17.34
O2 SOG S . -7.85 16.31 19.10
O3 SOG S . -9.23 18.67 18.23
O4 SOG S . -9.96 18.61 15.44
O5 SOG S . -7.00 16.45 15.54
O6 SOG S . -9.25 17.89 13.04
C1 SOG T . -2.81 22.84 1.07
C2 SOG T . -1.58 22.28 1.75
C3 SOG T . -0.35 22.97 1.18
C4 SOG T . -0.30 22.83 -0.33
C5 SOG T . -1.62 23.29 -0.95
C6 SOG T . -1.68 23.01 -2.44
C1' SOG T . -5.50 23.43 1.42
C2' SOG T . -6.94 23.09 1.74
C3' SOG T . -7.23 22.95 3.21
C4' SOG T . -8.69 22.71 3.49
C5' SOG T . -9.04 22.56 4.95
C6' SOG T . -10.51 22.28 5.21
C7' SOG T . -11.44 23.35 4.69
C8' SOG T . -12.90 23.00 4.83
S1 SOG T . -4.32 22.09 1.72
O2 SOG T . -1.64 22.52 3.15
O3 SOG T . 0.84 22.43 1.77
O4 SOG T . 0.76 23.60 -0.88
O5 SOG T . -2.73 22.61 -0.33
O6 SOG T . -2.75 23.73 -3.06
C1' SOG U . 6.75 -4.29 14.90
C2' SOG U . 7.40 -5.10 13.80
C3' SOG U . 8.53 -5.96 14.30
C4' SOG U . 9.26 -6.68 13.20
C5' SOG U . 10.47 -7.46 13.66
S1 SOG U . 5.51 -3.11 14.25
CAD PGW V . 1.63 -20.85 10.70
OAE PGW V . 1.45 -22.16 11.23
OAF PGW V . 1.38 -19.93 12.91
P PGW V . -2.50 -18.26 12.36
C01 PGW V . -2.24 -13.34 13.42
C1 PGW V . -1.69 -14.31 9.96
O01 PGW V . -1.49 -13.83 11.19
C02 PGW V . -2.36 -14.30 12.27
C2 PGW V . -0.60 -14.02 8.97
O02 PGW V . -2.71 -14.90 9.68
C03 PGW V . -1.93 -15.70 12.64
C3 PGW V . -1.06 -13.17 7.82
O03 PGW V . -2.79 -12.05 13.07
C04 PGW V . -0.55 -19.84 11.50
C4 PGW V . -0.31 -13.42 6.52
O04 PGW V . -4.80 -12.85 12.54
C05 PGW V . 0.96 -19.80 11.56
C5 PGW V . 0.97 -12.63 6.35
C06 PGW V . 3.99 -8.13 2.00
C6 PGW V . 1.27 -12.22 4.92
C07 PGW V . 3.76 -6.79 2.60
C7 PGW V . 2.61 -11.51 4.75
C08 PGW V . 3.29 -5.75 1.60
C8 PGW V . 2.88 -10.91 3.40
C09 PGW V . 2.88 -4.42 2.17
C9 PGW V . 4.25 -10.29 3.33
C10 PGW V . 4.67 -9.12 2.90
C11 PGW V . 2.36 -3.43 1.15
O11 PGW V . -2.81 -16.72 12.07
C12 PGW V . 1.84 -2.15 1.72
O12 PGW V . -1.05 -18.48 11.72
C13 PGW V . 1.34 -1.16 0.70
O13 PGW V . -2.36 -18.48 13.84
C14 PGW V . 0.17 -1.66 -0.12
O14 PGW V . -3.50 -19.09 11.58
C15 PGW V . -0.30 -4.31 10.54
C16 PGW V . -1.67 -4.12 9.96
C17 PGW V . -1.73 -4.34 8.46
C18 PGW V . -3.11 -4.17 7.84
C19 PGW V . -4.11 -11.96 12.96
C20 PGW V . -4.60 -10.64 13.50
C21 PGW V . -3.93 -9.47 12.86
C22 PGW V . -3.83 -8.26 13.77
C23 PGW V . -3.08 -7.11 13.17
C24 PGW V . -2.89 -5.91 14.06
C25 PGW V . -2.20 -4.76 13.38
C26 PGW V . -0.79 -5.06 12.93
C27 PGW V . -0.17 -4.03 12.03
C28 PGW V . -3.14 -4.32 6.34
C29 PGW V . -4.52 -4.03 4.25
C30 PGW V . -4.52 -4.18 5.75
#